data_1NEB
# 
_entry.id   1NEB 
# 
_audit_conform.dict_name       mmcif_pdbx.dic 
_audit_conform.dict_version    5.392 
_audit_conform.dict_location   http://mmcif.pdb.org/dictionaries/ascii/mmcif_pdbx.dic 
# 
loop_
_database_2.database_id 
_database_2.database_code 
_database_2.pdbx_database_accession 
_database_2.pdbx_DOI 
PDB   1NEB         pdb_00001neb 10.2210/pdb1neb/pdb 
WWPDB D_1000175254 ?            ?                   
# 
loop_
_pdbx_audit_revision_history.ordinal 
_pdbx_audit_revision_history.data_content_type 
_pdbx_audit_revision_history.major_revision 
_pdbx_audit_revision_history.minor_revision 
_pdbx_audit_revision_history.revision_date 
1 'Structure model' 1 0 1997-12-24 
2 'Structure model' 1 1 2008-03-24 
3 'Structure model' 1 2 2011-07-13 
4 'Structure model' 1 3 2022-02-23 
5 'Structure model' 1 4 2024-05-22 
# 
_pdbx_audit_revision_details.ordinal             1 
_pdbx_audit_revision_details.revision_ordinal    1 
_pdbx_audit_revision_details.data_content_type   'Structure model' 
_pdbx_audit_revision_details.provider            repository 
_pdbx_audit_revision_details.type                'Initial release' 
_pdbx_audit_revision_details.description         ? 
_pdbx_audit_revision_details.details             ? 
# 
loop_
_pdbx_audit_revision_group.ordinal 
_pdbx_audit_revision_group.revision_ordinal 
_pdbx_audit_revision_group.data_content_type 
_pdbx_audit_revision_group.group 
1 2 'Structure model' 'Version format compliance' 
2 3 'Structure model' 'Version format compliance' 
3 4 'Structure model' 'Database references'       
4 4 'Structure model' 'Derived calculations'      
5 4 'Structure model' Other                       
6 5 'Structure model' 'Data collection'           
# 
loop_
_pdbx_audit_revision_category.ordinal 
_pdbx_audit_revision_category.revision_ordinal 
_pdbx_audit_revision_category.data_content_type 
_pdbx_audit_revision_category.category 
1 4 'Structure model' database_2            
2 4 'Structure model' pdbx_database_status  
3 4 'Structure model' pdbx_struct_assembly  
4 4 'Structure model' pdbx_struct_oper_list 
5 5 'Structure model' chem_comp_atom        
6 5 'Structure model' chem_comp_bond        
# 
loop_
_pdbx_audit_revision_item.ordinal 
_pdbx_audit_revision_item.revision_ordinal 
_pdbx_audit_revision_item.data_content_type 
_pdbx_audit_revision_item.item 
1 4 'Structure model' '_database_2.pdbx_DOI'                
2 4 'Structure model' '_database_2.pdbx_database_accession' 
3 4 'Structure model' '_pdbx_database_status.process_site'  
# 
_pdbx_database_status.status_code                     REL 
_pdbx_database_status.entry_id                        1NEB 
_pdbx_database_status.recvd_initial_deposition_date   1997-08-07 
_pdbx_database_status.deposit_site                    ? 
_pdbx_database_status.process_site                    BNL 
_pdbx_database_status.SG_entry                        . 
_pdbx_database_status.pdb_format_compatible           Y 
_pdbx_database_status.status_code_mr                  ? 
_pdbx_database_status.status_code_sf                  ? 
_pdbx_database_status.status_code_cs                  ? 
_pdbx_database_status.status_code_nmr_data            ? 
_pdbx_database_status.methods_development_category    ? 
# 
loop_
_audit_author.name 
_audit_author.pdbx_ordinal 
'Politou, A.S.' 1 
'Pastore, A.'   2 
# 
_citation.id                        primary 
_citation.title                     'SH3 in muscles: solution structure of the SH3 domain from nebulin.' 
_citation.journal_abbrev            J.Mol.Biol. 
_citation.journal_volume            276 
_citation.page_first                189 
_citation.page_last                 202 
_citation.year                      1998 
_citation.journal_id_ASTM           JMOBAK 
_citation.country                   UK 
_citation.journal_id_ISSN           0022-2836 
_citation.journal_id_CSD            0070 
_citation.book_publisher            ? 
_citation.pdbx_database_id_PubMed   9514727 
_citation.pdbx_database_id_DOI      10.1006/jmbi.1997.1521 
# 
loop_
_citation_author.citation_id 
_citation_author.name 
_citation_author.ordinal 
_citation_author.identifier_ORCID 
primary 'Politou, A.S.' 1 ? 
primary 'Millevoi, S.'  2 ? 
primary 'Gautel, M.'    3 ? 
primary 'Kolmerer, B.'  4 ? 
primary 'Pastore, A.'   5 ? 
# 
_entity.id                         1 
_entity.type                       polymer 
_entity.src_method                 man 
_entity.pdbx_description           NEBULIN 
_entity.formula_weight             6614.411 
_entity.pdbx_number_of_molecules   1 
_entity.pdbx_ec                    ? 
_entity.pdbx_mutation              ? 
_entity.pdbx_fragment              'SH3 DOMAIN' 
_entity.details                    ? 
# 
_entity_poly.entity_id                      1 
_entity_poly.type                           'polypeptide(L)' 
_entity_poly.nstd_linkage                   no 
_entity_poly.nstd_monomer                   no 
_entity_poly.pdbx_seq_one_letter_code       TAGKIFRAMYDYMAADADEVSFKDGDAIINVQAIDEGWMYGTVQRTGRTGMLPANYVEAI 
_entity_poly.pdbx_seq_one_letter_code_can   TAGKIFRAMYDYMAADADEVSFKDGDAIINVQAIDEGWMYGTVQRTGRTGMLPANYVEAI 
_entity_poly.pdbx_strand_id                 A 
_entity_poly.pdbx_target_identifier         ? 
# 
loop_
_entity_poly_seq.entity_id 
_entity_poly_seq.num 
_entity_poly_seq.mon_id 
_entity_poly_seq.hetero 
1 1  THR n 
1 2  ALA n 
1 3  GLY n 
1 4  LYS n 
1 5  ILE n 
1 6  PHE n 
1 7  ARG n 
1 8  ALA n 
1 9  MET n 
1 10 TYR n 
1 11 ASP n 
1 12 TYR n 
1 13 MET n 
1 14 ALA n 
1 15 ALA n 
1 16 ASP n 
1 17 ALA n 
1 18 ASP n 
1 19 GLU n 
1 20 VAL n 
1 21 SER n 
1 22 PHE n 
1 23 LYS n 
1 24 ASP n 
1 25 GLY n 
1 26 ASP n 
1 27 ALA n 
1 28 ILE n 
1 29 ILE n 
1 30 ASN n 
1 31 VAL n 
1 32 GLN n 
1 33 ALA n 
1 34 ILE n 
1 35 ASP n 
1 36 GLU n 
1 37 GLY n 
1 38 TRP n 
1 39 MET n 
1 40 TYR n 
1 41 GLY n 
1 42 THR n 
1 43 VAL n 
1 44 GLN n 
1 45 ARG n 
1 46 THR n 
1 47 GLY n 
1 48 ARG n 
1 49 THR n 
1 50 GLY n 
1 51 MET n 
1 52 LEU n 
1 53 PRO n 
1 54 ALA n 
1 55 ASN n 
1 56 TYR n 
1 57 VAL n 
1 58 GLU n 
1 59 ALA n 
1 60 ILE n 
# 
_entity_src_gen.entity_id                          1 
_entity_src_gen.pdbx_src_id                        1 
_entity_src_gen.pdbx_alt_source_flag               sample 
_entity_src_gen.pdbx_seq_type                      ? 
_entity_src_gen.pdbx_beg_seq_num                   ? 
_entity_src_gen.pdbx_end_seq_num                   ? 
_entity_src_gen.gene_src_common_name               human 
_entity_src_gen.gene_src_genus                     Homo 
_entity_src_gen.pdbx_gene_src_gene                 ? 
_entity_src_gen.gene_src_species                   ? 
_entity_src_gen.gene_src_strain                    ? 
_entity_src_gen.gene_src_tissue                    ? 
_entity_src_gen.gene_src_tissue_fraction           ? 
_entity_src_gen.gene_src_details                   ? 
_entity_src_gen.pdbx_gene_src_fragment             ? 
_entity_src_gen.pdbx_gene_src_scientific_name      'Homo sapiens' 
_entity_src_gen.pdbx_gene_src_ncbi_taxonomy_id     9606 
_entity_src_gen.pdbx_gene_src_variant              ? 
_entity_src_gen.pdbx_gene_src_cell_line            BL21 
_entity_src_gen.pdbx_gene_src_atcc                 ? 
_entity_src_gen.pdbx_gene_src_organ                ? 
_entity_src_gen.pdbx_gene_src_organelle            ? 
_entity_src_gen.pdbx_gene_src_cell                 ? 
_entity_src_gen.pdbx_gene_src_cellular_location    ? 
_entity_src_gen.host_org_common_name               ? 
_entity_src_gen.pdbx_host_org_scientific_name      'Escherichia coli' 
_entity_src_gen.pdbx_host_org_ncbi_taxonomy_id     562 
_entity_src_gen.host_org_genus                     Escherichia 
_entity_src_gen.pdbx_host_org_gene                 ? 
_entity_src_gen.pdbx_host_org_organ                ? 
_entity_src_gen.host_org_species                   ? 
_entity_src_gen.pdbx_host_org_tissue               ? 
_entity_src_gen.pdbx_host_org_tissue_fraction      ? 
_entity_src_gen.pdbx_host_org_strain               'BL21 (DE3)-[PLYSS]' 
_entity_src_gen.pdbx_host_org_variant              ? 
_entity_src_gen.pdbx_host_org_cell_line            ? 
_entity_src_gen.pdbx_host_org_atcc                 ? 
_entity_src_gen.pdbx_host_org_culture_collection   ? 
_entity_src_gen.pdbx_host_org_cell                 ? 
_entity_src_gen.pdbx_host_org_organelle            ? 
_entity_src_gen.pdbx_host_org_cellular_location    ? 
_entity_src_gen.pdbx_host_org_vector_type          ? 
_entity_src_gen.pdbx_host_org_vector               PET 
_entity_src_gen.host_org_details                   ? 
_entity_src_gen.expression_system_id               ? 
_entity_src_gen.plasmid_name                       BL21 
_entity_src_gen.plasmid_details                    ? 
_entity_src_gen.pdbx_description                   ? 
# 
loop_
_chem_comp.id 
_chem_comp.type 
_chem_comp.mon_nstd_flag 
_chem_comp.name 
_chem_comp.pdbx_synonyms 
_chem_comp.formula 
_chem_comp.formula_weight 
ALA 'L-peptide linking' y ALANINE         ? 'C3 H7 N O2'     89.093  
ARG 'L-peptide linking' y ARGININE        ? 'C6 H15 N4 O2 1' 175.209 
ASN 'L-peptide linking' y ASPARAGINE      ? 'C4 H8 N2 O3'    132.118 
ASP 'L-peptide linking' y 'ASPARTIC ACID' ? 'C4 H7 N O4'     133.103 
GLN 'L-peptide linking' y GLUTAMINE       ? 'C5 H10 N2 O3'   146.144 
GLU 'L-peptide linking' y 'GLUTAMIC ACID' ? 'C5 H9 N O4'     147.129 
GLY 'peptide linking'   y GLYCINE         ? 'C2 H5 N O2'     75.067  
ILE 'L-peptide linking' y ISOLEUCINE      ? 'C6 H13 N O2'    131.173 
LEU 'L-peptide linking' y LEUCINE         ? 'C6 H13 N O2'    131.173 
LYS 'L-peptide linking' y LYSINE          ? 'C6 H15 N2 O2 1' 147.195 
MET 'L-peptide linking' y METHIONINE      ? 'C5 H11 N O2 S'  149.211 
PHE 'L-peptide linking' y PHENYLALANINE   ? 'C9 H11 N O2'    165.189 
PRO 'L-peptide linking' y PROLINE         ? 'C5 H9 N O2'     115.130 
SER 'L-peptide linking' y SERINE          ? 'C3 H7 N O3'     105.093 
THR 'L-peptide linking' y THREONINE       ? 'C4 H9 N O3'     119.119 
TRP 'L-peptide linking' y TRYPTOPHAN      ? 'C11 H12 N2 O2'  204.225 
TYR 'L-peptide linking' y TYROSINE        ? 'C9 H11 N O3'    181.189 
VAL 'L-peptide linking' y VALINE          ? 'C5 H11 N O2'    117.146 
# 
loop_
_pdbx_poly_seq_scheme.asym_id 
_pdbx_poly_seq_scheme.entity_id 
_pdbx_poly_seq_scheme.seq_id 
_pdbx_poly_seq_scheme.mon_id 
_pdbx_poly_seq_scheme.ndb_seq_num 
_pdbx_poly_seq_scheme.pdb_seq_num 
_pdbx_poly_seq_scheme.auth_seq_num 
_pdbx_poly_seq_scheme.pdb_mon_id 
_pdbx_poly_seq_scheme.auth_mon_id 
_pdbx_poly_seq_scheme.pdb_strand_id 
_pdbx_poly_seq_scheme.pdb_ins_code 
_pdbx_poly_seq_scheme.hetero 
A 1 1  THR 1  1  1  THR THR A . n 
A 1 2  ALA 2  2  2  ALA ALA A . n 
A 1 3  GLY 3  3  3  GLY GLY A . n 
A 1 4  LYS 4  4  4  LYS LYS A . n 
A 1 5  ILE 5  5  5  ILE ILE A . n 
A 1 6  PHE 6  6  6  PHE PHE A . n 
A 1 7  ARG 7  7  7  ARG ARG A . n 
A 1 8  ALA 8  8  8  ALA ALA A . n 
A 1 9  MET 9  9  9  MET MET A . n 
A 1 10 TYR 10 10 10 TYR TYR A . n 
A 1 11 ASP 11 11 11 ASP ASP A . n 
A 1 12 TYR 12 12 12 TYR TYR A . n 
A 1 13 MET 13 13 13 MET MET A . n 
A 1 14 ALA 14 14 14 ALA ALA A . n 
A 1 15 ALA 15 15 15 ALA ALA A . n 
A 1 16 ASP 16 16 16 ASP ASP A . n 
A 1 17 ALA 17 17 17 ALA ALA A . n 
A 1 18 ASP 18 18 18 ASP ASP A . n 
A 1 19 GLU 19 19 19 GLU GLU A . n 
A 1 20 VAL 20 20 20 VAL VAL A . n 
A 1 21 SER 21 21 21 SER SER A . n 
A 1 22 PHE 22 22 22 PHE PHE A . n 
A 1 23 LYS 23 23 23 LYS LYS A . n 
A 1 24 ASP 24 24 24 ASP ASP A . n 
A 1 25 GLY 25 25 25 GLY GLY A . n 
A 1 26 ASP 26 26 26 ASP ASP A . n 
A 1 27 ALA 27 27 27 ALA ALA A . n 
A 1 28 ILE 28 28 28 ILE ILE A . n 
A 1 29 ILE 29 29 29 ILE ILE A . n 
A 1 30 ASN 30 30 30 ASN ASN A . n 
A 1 31 VAL 31 31 31 VAL VAL A . n 
A 1 32 GLN 32 32 32 GLN GLN A . n 
A 1 33 ALA 33 33 33 ALA ALA A . n 
A 1 34 ILE 34 34 34 ILE ILE A . n 
A 1 35 ASP 35 35 35 ASP ASP A . n 
A 1 36 GLU 36 36 36 GLU GLU A . n 
A 1 37 GLY 37 37 37 GLY GLY A . n 
A 1 38 TRP 38 38 38 TRP TRP A . n 
A 1 39 MET 39 39 39 MET MET A . n 
A 1 40 TYR 40 40 40 TYR TYR A . n 
A 1 41 GLY 41 41 41 GLY GLY A . n 
A 1 42 THR 42 42 42 THR THR A . n 
A 1 43 VAL 43 43 43 VAL VAL A . n 
A 1 44 GLN 44 44 44 GLN GLN A . n 
A 1 45 ARG 45 45 45 ARG ARG A . n 
A 1 46 THR 46 46 46 THR THR A . n 
A 1 47 GLY 47 47 47 GLY GLY A . n 
A 1 48 ARG 48 48 48 ARG ARG A . n 
A 1 49 THR 49 49 49 THR THR A . n 
A 1 50 GLY 50 50 50 GLY GLY A . n 
A 1 51 MET 51 51 51 MET MET A . n 
A 1 52 LEU 52 52 52 LEU LEU A . n 
A 1 53 PRO 53 53 53 PRO PRO A . n 
A 1 54 ALA 54 54 54 ALA ALA A . n 
A 1 55 ASN 55 55 55 ASN ASN A . n 
A 1 56 TYR 56 56 56 TYR TYR A . n 
A 1 57 VAL 57 57 57 VAL VAL A . n 
A 1 58 GLU 58 58 58 GLU GLU A . n 
A 1 59 ALA 59 59 59 ALA ALA A . n 
A 1 60 ILE 60 60 60 ILE ILE A . n 
# 
loop_
_software.name 
_software.classification 
_software.version 
_software.citation_id 
_software.pdbx_ordinal 
X-PLOR 'model building' 3.1 ? 1 
X-PLOR refinement       3.1 ? 2 
X-PLOR phasing          3.1 ? 3 
# 
_cell.entry_id           1NEB 
_cell.length_a           1.000 
_cell.length_b           1.000 
_cell.length_c           1.000 
_cell.angle_alpha        90.00 
_cell.angle_beta         90.00 
_cell.angle_gamma        90.00 
_cell.Z_PDB              1 
_cell.pdbx_unique_axis   ? 
# 
_symmetry.entry_id                         1NEB 
_symmetry.space_group_name_H-M             'P 1' 
_symmetry.pdbx_full_space_group_name_H-M   ? 
_symmetry.cell_setting                     ? 
_symmetry.Int_Tables_number                1 
# 
_exptl.entry_id          1NEB 
_exptl.method            'SOLUTION NMR' 
_exptl.crystals_number   ? 
# 
_struct.entry_id                  1NEB 
_struct.title                     'SH3 DOMAIN FROM HUMAN NEBULIN, NMR, MINIMIZED AVERAGE STRUCTURE' 
_struct.pdbx_model_details        ? 
_struct.pdbx_CASP_flag            ? 
_struct.pdbx_model_type_details   ? 
# 
_struct_keywords.entry_id        1NEB 
_struct_keywords.pdbx_keywords   'SH3 DOMAIN' 
_struct_keywords.text            'SH3 DOMAIN, NEBULIN, Z-DISK ASSEMBLY, ACTIN-BINDING' 
# 
_struct_asym.id                            A 
_struct_asym.pdbx_blank_PDB_chainid_flag   Y 
_struct_asym.pdbx_modified                 N 
_struct_asym.entity_id                     1 
_struct_asym.details                       ? 
# 
_struct_ref.id                         1 
_struct_ref.db_name                    UNP 
_struct_ref.db_code                    NEBU_HUMAN 
_struct_ref.entity_id                  1 
_struct_ref.pdbx_db_accession          P20929 
_struct_ref.pdbx_align_begin           1 
_struct_ref.pdbx_seq_one_letter_code   
;VAYRKDAKENLHYTTVADRPDIKKATQAAKQASEVEYRAKHRKEGSHGLSMLGRPDIEMAKKAAKLSSQVKYRENFDKEK
GKTPKYNPKDSQLYKVMKDANNLASEVKYKADLKKLHKPVTDMKESLIMNHVLNTSQLASSYQYKKKYEKSKGHYHTIPD
NLEQLHLKEATELQSIVKYKEKYEKERGKPMLDFETPTYITAKESQQMQSGKEYRKDYEESIKGRNLTGLEVTPALLHVK
YATKIASEKEYRKDLEESIRGKGLTEMEDTPDMLRAKNATQILNEKEYKRDLELEVKGRGLNAMANETPDFMRARNATDI
ASQIKYKQSAEMEKANFTSVVDTPEIIHAQQVKNLSSQKKYKEDAEKSMSYYETVLDTPEIQRVRENQKNFSLLQYQCDL
KNSKGKITVVQDTPEILRVKENQKNFSSVLYKEDVSPGTAIGKTPEMMRVKQTQDHISSVKYKEAIGQGTPIPDLPEVKR
VKETQKHISSVMYKENLGTGIPTTVTPEIERVKRNQENFSSVLYKENLGKGIPTPITPEMERVKRNQENFSSVLYKENMG
KGTPLPVTPEMERVKHNQENISSVLYKENMGKGTPLPVTPEMERVKHNQENISSVLYKENVGKATATPVTPEMQRVKRNQ
ENISSVLYKENLGKATPTPFTPEMERVKRNQENFSSVLYKENMRKATPTPVTPEMERAKRNQENISSVLYSDSFRKQIQG
KAAYVLDTPEMRRVRETQRHISTVKYHEDFEKHKGCFTPVVTDPITERVKKNMQDFSDINYRGIQRKVVEMEQKRNDQDQ
ETITGLRVWRTNPGSVFDYDPAEDNIQSRSLHMINVQAQRRSREQSRSASALSISGGEEKSEHSEAPDHHLSTYSDGGVF
AVSTAYKHAKTTELPQQRSSSVATQQTTVSSIPSHPSTAGKIFRAMYDYMAADADEVSFKDGDAIINVQAIDEGWMYGTV
QRTGRTGMLPANYVEAI
;
_struct_ref.pdbx_db_isoform            ? 
# 
_struct_ref_seq.align_id                      1 
_struct_ref_seq.ref_id                        1 
_struct_ref_seq.pdbx_PDB_id_code              1NEB 
_struct_ref_seq.pdbx_strand_id                A 
_struct_ref_seq.seq_align_beg                 1 
_struct_ref_seq.pdbx_seq_align_beg_ins_code   ? 
_struct_ref_seq.seq_align_end                 60 
_struct_ref_seq.pdbx_seq_align_end_ins_code   ? 
_struct_ref_seq.pdbx_db_accession             P20929 
_struct_ref_seq.db_align_beg                  918 
_struct_ref_seq.pdbx_db_align_beg_ins_code    ? 
_struct_ref_seq.db_align_end                  977 
_struct_ref_seq.pdbx_db_align_end_ins_code    ? 
_struct_ref_seq.pdbx_auth_seq_align_beg       1 
_struct_ref_seq.pdbx_auth_seq_align_end       60 
# 
_pdbx_struct_assembly.id                   1 
_pdbx_struct_assembly.details              author_defined_assembly 
_pdbx_struct_assembly.method_details       ? 
_pdbx_struct_assembly.oligomeric_details   monomeric 
_pdbx_struct_assembly.oligomeric_count     1 
# 
_pdbx_struct_assembly_gen.assembly_id       1 
_pdbx_struct_assembly_gen.oper_expression   1 
_pdbx_struct_assembly_gen.asym_id_list      A 
# 
_pdbx_struct_oper_list.id                   1 
_pdbx_struct_oper_list.type                 'identity operation' 
_pdbx_struct_oper_list.name                 1_555 
_pdbx_struct_oper_list.symmetry_operation   x,y,z 
_pdbx_struct_oper_list.matrix[1][1]         1.0000000000 
_pdbx_struct_oper_list.matrix[1][2]         0.0000000000 
_pdbx_struct_oper_list.matrix[1][3]         0.0000000000 
_pdbx_struct_oper_list.vector[1]            0.0000000000 
_pdbx_struct_oper_list.matrix[2][1]         0.0000000000 
_pdbx_struct_oper_list.matrix[2][2]         1.0000000000 
_pdbx_struct_oper_list.matrix[2][3]         0.0000000000 
_pdbx_struct_oper_list.vector[2]            0.0000000000 
_pdbx_struct_oper_list.matrix[3][1]         0.0000000000 
_pdbx_struct_oper_list.matrix[3][2]         0.0000000000 
_pdbx_struct_oper_list.matrix[3][3]         1.0000000000 
_pdbx_struct_oper_list.vector[3]            0.0000000000 
# 
_struct_biol.id   1 
# 
_struct_conf.conf_type_id            HELX_P 
_struct_conf.id                      HELX_P1 
_struct_conf.pdbx_PDB_helix_id       H 
_struct_conf.beg_label_comp_id       ALA 
_struct_conf.beg_label_asym_id       A 
_struct_conf.beg_label_seq_id        54 
_struct_conf.pdbx_beg_PDB_ins_code   ? 
_struct_conf.end_label_comp_id       TYR 
_struct_conf.end_label_asym_id       A 
_struct_conf.end_label_seq_id        56 
_struct_conf.pdbx_end_PDB_ins_code   ? 
_struct_conf.beg_auth_comp_id        ALA 
_struct_conf.beg_auth_asym_id        A 
_struct_conf.beg_auth_seq_id         54 
_struct_conf.end_auth_comp_id        TYR 
_struct_conf.end_auth_asym_id        A 
_struct_conf.end_auth_seq_id         56 
_struct_conf.pdbx_PDB_helix_class    5 
_struct_conf.details                 'ONE TURN' 
_struct_conf.pdbx_PDB_helix_length   3 
# 
_struct_conf_type.id          HELX_P 
_struct_conf_type.criteria    ? 
_struct_conf_type.reference   ? 
# 
loop_
_struct_sheet.id 
_struct_sheet.type 
_struct_sheet.number_strands 
_struct_sheet.details 
B1 ? 1 ? 
B2 ? 1 ? 
C1 ? 1 ? 
C2 ? 1 ? 
D1 ? 1 ? 
D2 ? 1 ? 
B3 ? 2 ? 
# 
_struct_sheet_order.sheet_id     B3 
_struct_sheet_order.range_id_1   1 
_struct_sheet_order.range_id_2   2 
_struct_sheet_order.offset       ? 
_struct_sheet_order.sense        anti-parallel 
# 
loop_
_struct_sheet_range.sheet_id 
_struct_sheet_range.id 
_struct_sheet_range.beg_label_comp_id 
_struct_sheet_range.beg_label_asym_id 
_struct_sheet_range.beg_label_seq_id 
_struct_sheet_range.pdbx_beg_PDB_ins_code 
_struct_sheet_range.end_label_comp_id 
_struct_sheet_range.end_label_asym_id 
_struct_sheet_range.end_label_seq_id 
_struct_sheet_range.pdbx_end_PDB_ins_code 
_struct_sheet_range.beg_auth_comp_id 
_struct_sheet_range.beg_auth_asym_id 
_struct_sheet_range.beg_auth_seq_id 
_struct_sheet_range.end_auth_comp_id 
_struct_sheet_range.end_auth_asym_id 
_struct_sheet_range.end_auth_seq_id 
B1 1 PHE A 6  ? MET A 9  ? PHE A 6  MET A 9  
B2 1 GLN A 32 ? ILE A 34 ? GLN A 32 ILE A 34 
C1 1 ALA A 27 ? ILE A 29 ? ALA A 27 ILE A 29 
C2 1 TRP A 38 ? VAL A 43 ? TRP A 38 VAL A 43 
D1 1 VAL A 57 ? ILE A 60 ? VAL A 57 ILE A 60 
D2 1 ARG A 48 ? PRO A 53 ? ARG A 48 PRO A 53 
B3 1 ASP A 11 ? ALA A 14 ? ASP A 11 ALA A 14 
B3 2 SER A 21 ? ASP A 24 ? SER A 21 ASP A 24 
# 
loop_
_pdbx_validate_torsion.id 
_pdbx_validate_torsion.PDB_model_num 
_pdbx_validate_torsion.auth_comp_id 
_pdbx_validate_torsion.auth_asym_id 
_pdbx_validate_torsion.auth_seq_id 
_pdbx_validate_torsion.PDB_ins_code 
_pdbx_validate_torsion.label_alt_id 
_pdbx_validate_torsion.phi 
_pdbx_validate_torsion.psi 
1 1 ALA A 2  ? ? -162.21 61.88   
2 1 LYS A 4  ? ? -57.69  174.98  
3 1 GLU A 19 ? ? -129.08 -168.19 
4 1 VAL A 20 ? ? -118.75 -158.94 
5 1 ILE A 34 ? ? -82.20  -73.37  
6 1 ASP A 35 ? ? -174.89 -68.71  
7 1 TRP A 38 ? ? 53.31   177.37  
8 1 MET A 39 ? ? -134.66 -157.86 
# 
loop_
_pdbx_validate_planes.id 
_pdbx_validate_planes.PDB_model_num 
_pdbx_validate_planes.auth_comp_id 
_pdbx_validate_planes.auth_asym_id 
_pdbx_validate_planes.auth_seq_id 
_pdbx_validate_planes.PDB_ins_code 
_pdbx_validate_planes.label_alt_id 
_pdbx_validate_planes.rmsd 
_pdbx_validate_planes.type 
1 1 ARG A 7  ? ? 0.309 'SIDE CHAIN' 
2 1 ARG A 45 ? ? 0.283 'SIDE CHAIN' 
3 1 ARG A 48 ? ? 0.232 'SIDE CHAIN' 
# 
_pdbx_nmr_ensemble.entry_id                             1NEB 
_pdbx_nmr_ensemble.conformers_calculated_total_number   100 
_pdbx_nmr_ensemble.conformers_submitted_total_number    1 
_pdbx_nmr_ensemble.conformer_selection_criteria         'LEAST RESTRAINT VIOLATION' 
# 
_pdbx_nmr_exptl_sample_conditions.conditions_id       1 
_pdbx_nmr_exptl_sample_conditions.temperature         300 
_pdbx_nmr_exptl_sample_conditions.pressure            ? 
_pdbx_nmr_exptl_sample_conditions.pH                  6.9 
_pdbx_nmr_exptl_sample_conditions.ionic_strength      ? 
_pdbx_nmr_exptl_sample_conditions.pressure_units      . 
_pdbx_nmr_exptl_sample_conditions.temperature_units   K 
# 
loop_
_pdbx_nmr_exptl.experiment_id 
_pdbx_nmr_exptl.conditions_id 
_pdbx_nmr_exptl.type 
_pdbx_nmr_exptl.solution_id 
1 1 NOESY    1 
2 1 TOCSY    1 
3 1 DQF-COSY 1 
# 
_pdbx_nmr_refine.entry_id           1NEB 
_pdbx_nmr_refine.method             'DISTANCE GEOMETRY, SIMULATED ANNEALING' 
_pdbx_nmr_refine.details            'REFINEMENT DETAILS ARE IN THE SUBMITTED PAPER.' 
_pdbx_nmr_refine.software_ordinal   1 
# 
loop_
_pdbx_nmr_software.classification 
_pdbx_nmr_software.name 
_pdbx_nmr_software.version 
_pdbx_nmr_software.authors 
_pdbx_nmr_software.ordinal 
refinement           X-PLOR         3.1   BRUNGER 1 
'structure solution' 'BRUKER UXNMR' UXNMR ?       2 
# 
loop_
_chem_comp_atom.comp_id 
_chem_comp_atom.atom_id 
_chem_comp_atom.type_symbol 
_chem_comp_atom.pdbx_aromatic_flag 
_chem_comp_atom.pdbx_stereo_config 
_chem_comp_atom.pdbx_ordinal 
ALA N    N N N 1   
ALA CA   C N S 2   
ALA C    C N N 3   
ALA O    O N N 4   
ALA CB   C N N 5   
ALA OXT  O N N 6   
ALA H    H N N 7   
ALA H2   H N N 8   
ALA HA   H N N 9   
ALA HB1  H N N 10  
ALA HB2  H N N 11  
ALA HB3  H N N 12  
ALA HXT  H N N 13  
ARG N    N N N 14  
ARG CA   C N S 15  
ARG C    C N N 16  
ARG O    O N N 17  
ARG CB   C N N 18  
ARG CG   C N N 19  
ARG CD   C N N 20  
ARG NE   N N N 21  
ARG CZ   C N N 22  
ARG NH1  N N N 23  
ARG NH2  N N N 24  
ARG OXT  O N N 25  
ARG H    H N N 26  
ARG H2   H N N 27  
ARG HA   H N N 28  
ARG HB2  H N N 29  
ARG HB3  H N N 30  
ARG HG2  H N N 31  
ARG HG3  H N N 32  
ARG HD2  H N N 33  
ARG HD3  H N N 34  
ARG HE   H N N 35  
ARG HH11 H N N 36  
ARG HH12 H N N 37  
ARG HH21 H N N 38  
ARG HH22 H N N 39  
ARG HXT  H N N 40  
ASN N    N N N 41  
ASN CA   C N S 42  
ASN C    C N N 43  
ASN O    O N N 44  
ASN CB   C N N 45  
ASN CG   C N N 46  
ASN OD1  O N N 47  
ASN ND2  N N N 48  
ASN OXT  O N N 49  
ASN H    H N N 50  
ASN H2   H N N 51  
ASN HA   H N N 52  
ASN HB2  H N N 53  
ASN HB3  H N N 54  
ASN HD21 H N N 55  
ASN HD22 H N N 56  
ASN HXT  H N N 57  
ASP N    N N N 58  
ASP CA   C N S 59  
ASP C    C N N 60  
ASP O    O N N 61  
ASP CB   C N N 62  
ASP CG   C N N 63  
ASP OD1  O N N 64  
ASP OD2  O N N 65  
ASP OXT  O N N 66  
ASP H    H N N 67  
ASP H2   H N N 68  
ASP HA   H N N 69  
ASP HB2  H N N 70  
ASP HB3  H N N 71  
ASP HD2  H N N 72  
ASP HXT  H N N 73  
GLN N    N N N 74  
GLN CA   C N S 75  
GLN C    C N N 76  
GLN O    O N N 77  
GLN CB   C N N 78  
GLN CG   C N N 79  
GLN CD   C N N 80  
GLN OE1  O N N 81  
GLN NE2  N N N 82  
GLN OXT  O N N 83  
GLN H    H N N 84  
GLN H2   H N N 85  
GLN HA   H N N 86  
GLN HB2  H N N 87  
GLN HB3  H N N 88  
GLN HG2  H N N 89  
GLN HG3  H N N 90  
GLN HE21 H N N 91  
GLN HE22 H N N 92  
GLN HXT  H N N 93  
GLU N    N N N 94  
GLU CA   C N S 95  
GLU C    C N N 96  
GLU O    O N N 97  
GLU CB   C N N 98  
GLU CG   C N N 99  
GLU CD   C N N 100 
GLU OE1  O N N 101 
GLU OE2  O N N 102 
GLU OXT  O N N 103 
GLU H    H N N 104 
GLU H2   H N N 105 
GLU HA   H N N 106 
GLU HB2  H N N 107 
GLU HB3  H N N 108 
GLU HG2  H N N 109 
GLU HG3  H N N 110 
GLU HE2  H N N 111 
GLU HXT  H N N 112 
GLY N    N N N 113 
GLY CA   C N N 114 
GLY C    C N N 115 
GLY O    O N N 116 
GLY OXT  O N N 117 
GLY H    H N N 118 
GLY H2   H N N 119 
GLY HA2  H N N 120 
GLY HA3  H N N 121 
GLY HXT  H N N 122 
ILE N    N N N 123 
ILE CA   C N S 124 
ILE C    C N N 125 
ILE O    O N N 126 
ILE CB   C N S 127 
ILE CG1  C N N 128 
ILE CG2  C N N 129 
ILE CD1  C N N 130 
ILE OXT  O N N 131 
ILE H    H N N 132 
ILE H2   H N N 133 
ILE HA   H N N 134 
ILE HB   H N N 135 
ILE HG12 H N N 136 
ILE HG13 H N N 137 
ILE HG21 H N N 138 
ILE HG22 H N N 139 
ILE HG23 H N N 140 
ILE HD11 H N N 141 
ILE HD12 H N N 142 
ILE HD13 H N N 143 
ILE HXT  H N N 144 
LEU N    N N N 145 
LEU CA   C N S 146 
LEU C    C N N 147 
LEU O    O N N 148 
LEU CB   C N N 149 
LEU CG   C N N 150 
LEU CD1  C N N 151 
LEU CD2  C N N 152 
LEU OXT  O N N 153 
LEU H    H N N 154 
LEU H2   H N N 155 
LEU HA   H N N 156 
LEU HB2  H N N 157 
LEU HB3  H N N 158 
LEU HG   H N N 159 
LEU HD11 H N N 160 
LEU HD12 H N N 161 
LEU HD13 H N N 162 
LEU HD21 H N N 163 
LEU HD22 H N N 164 
LEU HD23 H N N 165 
LEU HXT  H N N 166 
LYS N    N N N 167 
LYS CA   C N S 168 
LYS C    C N N 169 
LYS O    O N N 170 
LYS CB   C N N 171 
LYS CG   C N N 172 
LYS CD   C N N 173 
LYS CE   C N N 174 
LYS NZ   N N N 175 
LYS OXT  O N N 176 
LYS H    H N N 177 
LYS H2   H N N 178 
LYS HA   H N N 179 
LYS HB2  H N N 180 
LYS HB3  H N N 181 
LYS HG2  H N N 182 
LYS HG3  H N N 183 
LYS HD2  H N N 184 
LYS HD3  H N N 185 
LYS HE2  H N N 186 
LYS HE3  H N N 187 
LYS HZ1  H N N 188 
LYS HZ2  H N N 189 
LYS HZ3  H N N 190 
LYS HXT  H N N 191 
MET N    N N N 192 
MET CA   C N S 193 
MET C    C N N 194 
MET O    O N N 195 
MET CB   C N N 196 
MET CG   C N N 197 
MET SD   S N N 198 
MET CE   C N N 199 
MET OXT  O N N 200 
MET H    H N N 201 
MET H2   H N N 202 
MET HA   H N N 203 
MET HB2  H N N 204 
MET HB3  H N N 205 
MET HG2  H N N 206 
MET HG3  H N N 207 
MET HE1  H N N 208 
MET HE2  H N N 209 
MET HE3  H N N 210 
MET HXT  H N N 211 
PHE N    N N N 212 
PHE CA   C N S 213 
PHE C    C N N 214 
PHE O    O N N 215 
PHE CB   C N N 216 
PHE CG   C Y N 217 
PHE CD1  C Y N 218 
PHE CD2  C Y N 219 
PHE CE1  C Y N 220 
PHE CE2  C Y N 221 
PHE CZ   C Y N 222 
PHE OXT  O N N 223 
PHE H    H N N 224 
PHE H2   H N N 225 
PHE HA   H N N 226 
PHE HB2  H N N 227 
PHE HB3  H N N 228 
PHE HD1  H N N 229 
PHE HD2  H N N 230 
PHE HE1  H N N 231 
PHE HE2  H N N 232 
PHE HZ   H N N 233 
PHE HXT  H N N 234 
PRO N    N N N 235 
PRO CA   C N S 236 
PRO C    C N N 237 
PRO O    O N N 238 
PRO CB   C N N 239 
PRO CG   C N N 240 
PRO CD   C N N 241 
PRO OXT  O N N 242 
PRO H    H N N 243 
PRO HA   H N N 244 
PRO HB2  H N N 245 
PRO HB3  H N N 246 
PRO HG2  H N N 247 
PRO HG3  H N N 248 
PRO HD2  H N N 249 
PRO HD3  H N N 250 
PRO HXT  H N N 251 
SER N    N N N 252 
SER CA   C N S 253 
SER C    C N N 254 
SER O    O N N 255 
SER CB   C N N 256 
SER OG   O N N 257 
SER OXT  O N N 258 
SER H    H N N 259 
SER H2   H N N 260 
SER HA   H N N 261 
SER HB2  H N N 262 
SER HB3  H N N 263 
SER HG   H N N 264 
SER HXT  H N N 265 
THR N    N N N 266 
THR CA   C N S 267 
THR C    C N N 268 
THR O    O N N 269 
THR CB   C N R 270 
THR OG1  O N N 271 
THR CG2  C N N 272 
THR OXT  O N N 273 
THR H    H N N 274 
THR H2   H N N 275 
THR HA   H N N 276 
THR HB   H N N 277 
THR HG1  H N N 278 
THR HG21 H N N 279 
THR HG22 H N N 280 
THR HG23 H N N 281 
THR HXT  H N N 282 
TRP N    N N N 283 
TRP CA   C N S 284 
TRP C    C N N 285 
TRP O    O N N 286 
TRP CB   C N N 287 
TRP CG   C Y N 288 
TRP CD1  C Y N 289 
TRP CD2  C Y N 290 
TRP NE1  N Y N 291 
TRP CE2  C Y N 292 
TRP CE3  C Y N 293 
TRP CZ2  C Y N 294 
TRP CZ3  C Y N 295 
TRP CH2  C Y N 296 
TRP OXT  O N N 297 
TRP H    H N N 298 
TRP H2   H N N 299 
TRP HA   H N N 300 
TRP HB2  H N N 301 
TRP HB3  H N N 302 
TRP HD1  H N N 303 
TRP HE1  H N N 304 
TRP HE3  H N N 305 
TRP HZ2  H N N 306 
TRP HZ3  H N N 307 
TRP HH2  H N N 308 
TRP HXT  H N N 309 
TYR N    N N N 310 
TYR CA   C N S 311 
TYR C    C N N 312 
TYR O    O N N 313 
TYR CB   C N N 314 
TYR CG   C Y N 315 
TYR CD1  C Y N 316 
TYR CD2  C Y N 317 
TYR CE1  C Y N 318 
TYR CE2  C Y N 319 
TYR CZ   C Y N 320 
TYR OH   O N N 321 
TYR OXT  O N N 322 
TYR H    H N N 323 
TYR H2   H N N 324 
TYR HA   H N N 325 
TYR HB2  H N N 326 
TYR HB3  H N N 327 
TYR HD1  H N N 328 
TYR HD2  H N N 329 
TYR HE1  H N N 330 
TYR HE2  H N N 331 
TYR HH   H N N 332 
TYR HXT  H N N 333 
VAL N    N N N 334 
VAL CA   C N S 335 
VAL C    C N N 336 
VAL O    O N N 337 
VAL CB   C N N 338 
VAL CG1  C N N 339 
VAL CG2  C N N 340 
VAL OXT  O N N 341 
VAL H    H N N 342 
VAL H2   H N N 343 
VAL HA   H N N 344 
VAL HB   H N N 345 
VAL HG11 H N N 346 
VAL HG12 H N N 347 
VAL HG13 H N N 348 
VAL HG21 H N N 349 
VAL HG22 H N N 350 
VAL HG23 H N N 351 
VAL HXT  H N N 352 
# 
loop_
_chem_comp_bond.comp_id 
_chem_comp_bond.atom_id_1 
_chem_comp_bond.atom_id_2 
_chem_comp_bond.value_order 
_chem_comp_bond.pdbx_aromatic_flag 
_chem_comp_bond.pdbx_stereo_config 
_chem_comp_bond.pdbx_ordinal 
ALA N   CA   sing N N 1   
ALA N   H    sing N N 2   
ALA N   H2   sing N N 3   
ALA CA  C    sing N N 4   
ALA CA  CB   sing N N 5   
ALA CA  HA   sing N N 6   
ALA C   O    doub N N 7   
ALA C   OXT  sing N N 8   
ALA CB  HB1  sing N N 9   
ALA CB  HB2  sing N N 10  
ALA CB  HB3  sing N N 11  
ALA OXT HXT  sing N N 12  
ARG N   CA   sing N N 13  
ARG N   H    sing N N 14  
ARG N   H2   sing N N 15  
ARG CA  C    sing N N 16  
ARG CA  CB   sing N N 17  
ARG CA  HA   sing N N 18  
ARG C   O    doub N N 19  
ARG C   OXT  sing N N 20  
ARG CB  CG   sing N N 21  
ARG CB  HB2  sing N N 22  
ARG CB  HB3  sing N N 23  
ARG CG  CD   sing N N 24  
ARG CG  HG2  sing N N 25  
ARG CG  HG3  sing N N 26  
ARG CD  NE   sing N N 27  
ARG CD  HD2  sing N N 28  
ARG CD  HD3  sing N N 29  
ARG NE  CZ   sing N N 30  
ARG NE  HE   sing N N 31  
ARG CZ  NH1  sing N N 32  
ARG CZ  NH2  doub N N 33  
ARG NH1 HH11 sing N N 34  
ARG NH1 HH12 sing N N 35  
ARG NH2 HH21 sing N N 36  
ARG NH2 HH22 sing N N 37  
ARG OXT HXT  sing N N 38  
ASN N   CA   sing N N 39  
ASN N   H    sing N N 40  
ASN N   H2   sing N N 41  
ASN CA  C    sing N N 42  
ASN CA  CB   sing N N 43  
ASN CA  HA   sing N N 44  
ASN C   O    doub N N 45  
ASN C   OXT  sing N N 46  
ASN CB  CG   sing N N 47  
ASN CB  HB2  sing N N 48  
ASN CB  HB3  sing N N 49  
ASN CG  OD1  doub N N 50  
ASN CG  ND2  sing N N 51  
ASN ND2 HD21 sing N N 52  
ASN ND2 HD22 sing N N 53  
ASN OXT HXT  sing N N 54  
ASP N   CA   sing N N 55  
ASP N   H    sing N N 56  
ASP N   H2   sing N N 57  
ASP CA  C    sing N N 58  
ASP CA  CB   sing N N 59  
ASP CA  HA   sing N N 60  
ASP C   O    doub N N 61  
ASP C   OXT  sing N N 62  
ASP CB  CG   sing N N 63  
ASP CB  HB2  sing N N 64  
ASP CB  HB3  sing N N 65  
ASP CG  OD1  doub N N 66  
ASP CG  OD2  sing N N 67  
ASP OD2 HD2  sing N N 68  
ASP OXT HXT  sing N N 69  
GLN N   CA   sing N N 70  
GLN N   H    sing N N 71  
GLN N   H2   sing N N 72  
GLN CA  C    sing N N 73  
GLN CA  CB   sing N N 74  
GLN CA  HA   sing N N 75  
GLN C   O    doub N N 76  
GLN C   OXT  sing N N 77  
GLN CB  CG   sing N N 78  
GLN CB  HB2  sing N N 79  
GLN CB  HB3  sing N N 80  
GLN CG  CD   sing N N 81  
GLN CG  HG2  sing N N 82  
GLN CG  HG3  sing N N 83  
GLN CD  OE1  doub N N 84  
GLN CD  NE2  sing N N 85  
GLN NE2 HE21 sing N N 86  
GLN NE2 HE22 sing N N 87  
GLN OXT HXT  sing N N 88  
GLU N   CA   sing N N 89  
GLU N   H    sing N N 90  
GLU N   H2   sing N N 91  
GLU CA  C    sing N N 92  
GLU CA  CB   sing N N 93  
GLU CA  HA   sing N N 94  
GLU C   O    doub N N 95  
GLU C   OXT  sing N N 96  
GLU CB  CG   sing N N 97  
GLU CB  HB2  sing N N 98  
GLU CB  HB3  sing N N 99  
GLU CG  CD   sing N N 100 
GLU CG  HG2  sing N N 101 
GLU CG  HG3  sing N N 102 
GLU CD  OE1  doub N N 103 
GLU CD  OE2  sing N N 104 
GLU OE2 HE2  sing N N 105 
GLU OXT HXT  sing N N 106 
GLY N   CA   sing N N 107 
GLY N   H    sing N N 108 
GLY N   H2   sing N N 109 
GLY CA  C    sing N N 110 
GLY CA  HA2  sing N N 111 
GLY CA  HA3  sing N N 112 
GLY C   O    doub N N 113 
GLY C   OXT  sing N N 114 
GLY OXT HXT  sing N N 115 
ILE N   CA   sing N N 116 
ILE N   H    sing N N 117 
ILE N   H2   sing N N 118 
ILE CA  C    sing N N 119 
ILE CA  CB   sing N N 120 
ILE CA  HA   sing N N 121 
ILE C   O    doub N N 122 
ILE C   OXT  sing N N 123 
ILE CB  CG1  sing N N 124 
ILE CB  CG2  sing N N 125 
ILE CB  HB   sing N N 126 
ILE CG1 CD1  sing N N 127 
ILE CG1 HG12 sing N N 128 
ILE CG1 HG13 sing N N 129 
ILE CG2 HG21 sing N N 130 
ILE CG2 HG22 sing N N 131 
ILE CG2 HG23 sing N N 132 
ILE CD1 HD11 sing N N 133 
ILE CD1 HD12 sing N N 134 
ILE CD1 HD13 sing N N 135 
ILE OXT HXT  sing N N 136 
LEU N   CA   sing N N 137 
LEU N   H    sing N N 138 
LEU N   H2   sing N N 139 
LEU CA  C    sing N N 140 
LEU CA  CB   sing N N 141 
LEU CA  HA   sing N N 142 
LEU C   O    doub N N 143 
LEU C   OXT  sing N N 144 
LEU CB  CG   sing N N 145 
LEU CB  HB2  sing N N 146 
LEU CB  HB3  sing N N 147 
LEU CG  CD1  sing N N 148 
LEU CG  CD2  sing N N 149 
LEU CG  HG   sing N N 150 
LEU CD1 HD11 sing N N 151 
LEU CD1 HD12 sing N N 152 
LEU CD1 HD13 sing N N 153 
LEU CD2 HD21 sing N N 154 
LEU CD2 HD22 sing N N 155 
LEU CD2 HD23 sing N N 156 
LEU OXT HXT  sing N N 157 
LYS N   CA   sing N N 158 
LYS N   H    sing N N 159 
LYS N   H2   sing N N 160 
LYS CA  C    sing N N 161 
LYS CA  CB   sing N N 162 
LYS CA  HA   sing N N 163 
LYS C   O    doub N N 164 
LYS C   OXT  sing N N 165 
LYS CB  CG   sing N N 166 
LYS CB  HB2  sing N N 167 
LYS CB  HB3  sing N N 168 
LYS CG  CD   sing N N 169 
LYS CG  HG2  sing N N 170 
LYS CG  HG3  sing N N 171 
LYS CD  CE   sing N N 172 
LYS CD  HD2  sing N N 173 
LYS CD  HD3  sing N N 174 
LYS CE  NZ   sing N N 175 
LYS CE  HE2  sing N N 176 
LYS CE  HE3  sing N N 177 
LYS NZ  HZ1  sing N N 178 
LYS NZ  HZ2  sing N N 179 
LYS NZ  HZ3  sing N N 180 
LYS OXT HXT  sing N N 181 
MET N   CA   sing N N 182 
MET N   H    sing N N 183 
MET N   H2   sing N N 184 
MET CA  C    sing N N 185 
MET CA  CB   sing N N 186 
MET CA  HA   sing N N 187 
MET C   O    doub N N 188 
MET C   OXT  sing N N 189 
MET CB  CG   sing N N 190 
MET CB  HB2  sing N N 191 
MET CB  HB3  sing N N 192 
MET CG  SD   sing N N 193 
MET CG  HG2  sing N N 194 
MET CG  HG3  sing N N 195 
MET SD  CE   sing N N 196 
MET CE  HE1  sing N N 197 
MET CE  HE2  sing N N 198 
MET CE  HE3  sing N N 199 
MET OXT HXT  sing N N 200 
PHE N   CA   sing N N 201 
PHE N   H    sing N N 202 
PHE N   H2   sing N N 203 
PHE CA  C    sing N N 204 
PHE CA  CB   sing N N 205 
PHE CA  HA   sing N N 206 
PHE C   O    doub N N 207 
PHE C   OXT  sing N N 208 
PHE CB  CG   sing N N 209 
PHE CB  HB2  sing N N 210 
PHE CB  HB3  sing N N 211 
PHE CG  CD1  doub Y N 212 
PHE CG  CD2  sing Y N 213 
PHE CD1 CE1  sing Y N 214 
PHE CD1 HD1  sing N N 215 
PHE CD2 CE2  doub Y N 216 
PHE CD2 HD2  sing N N 217 
PHE CE1 CZ   doub Y N 218 
PHE CE1 HE1  sing N N 219 
PHE CE2 CZ   sing Y N 220 
PHE CE2 HE2  sing N N 221 
PHE CZ  HZ   sing N N 222 
PHE OXT HXT  sing N N 223 
PRO N   CA   sing N N 224 
PRO N   CD   sing N N 225 
PRO N   H    sing N N 226 
PRO CA  C    sing N N 227 
PRO CA  CB   sing N N 228 
PRO CA  HA   sing N N 229 
PRO C   O    doub N N 230 
PRO C   OXT  sing N N 231 
PRO CB  CG   sing N N 232 
PRO CB  HB2  sing N N 233 
PRO CB  HB3  sing N N 234 
PRO CG  CD   sing N N 235 
PRO CG  HG2  sing N N 236 
PRO CG  HG3  sing N N 237 
PRO CD  HD2  sing N N 238 
PRO CD  HD3  sing N N 239 
PRO OXT HXT  sing N N 240 
SER N   CA   sing N N 241 
SER N   H    sing N N 242 
SER N   H2   sing N N 243 
SER CA  C    sing N N 244 
SER CA  CB   sing N N 245 
SER CA  HA   sing N N 246 
SER C   O    doub N N 247 
SER C   OXT  sing N N 248 
SER CB  OG   sing N N 249 
SER CB  HB2  sing N N 250 
SER CB  HB3  sing N N 251 
SER OG  HG   sing N N 252 
SER OXT HXT  sing N N 253 
THR N   CA   sing N N 254 
THR N   H    sing N N 255 
THR N   H2   sing N N 256 
THR CA  C    sing N N 257 
THR CA  CB   sing N N 258 
THR CA  HA   sing N N 259 
THR C   O    doub N N 260 
THR C   OXT  sing N N 261 
THR CB  OG1  sing N N 262 
THR CB  CG2  sing N N 263 
THR CB  HB   sing N N 264 
THR OG1 HG1  sing N N 265 
THR CG2 HG21 sing N N 266 
THR CG2 HG22 sing N N 267 
THR CG2 HG23 sing N N 268 
THR OXT HXT  sing N N 269 
TRP N   CA   sing N N 270 
TRP N   H    sing N N 271 
TRP N   H2   sing N N 272 
TRP CA  C    sing N N 273 
TRP CA  CB   sing N N 274 
TRP CA  HA   sing N N 275 
TRP C   O    doub N N 276 
TRP C   OXT  sing N N 277 
TRP CB  CG   sing N N 278 
TRP CB  HB2  sing N N 279 
TRP CB  HB3  sing N N 280 
TRP CG  CD1  doub Y N 281 
TRP CG  CD2  sing Y N 282 
TRP CD1 NE1  sing Y N 283 
TRP CD1 HD1  sing N N 284 
TRP CD2 CE2  doub Y N 285 
TRP CD2 CE3  sing Y N 286 
TRP NE1 CE2  sing Y N 287 
TRP NE1 HE1  sing N N 288 
TRP CE2 CZ2  sing Y N 289 
TRP CE3 CZ3  doub Y N 290 
TRP CE3 HE3  sing N N 291 
TRP CZ2 CH2  doub Y N 292 
TRP CZ2 HZ2  sing N N 293 
TRP CZ3 CH2  sing Y N 294 
TRP CZ3 HZ3  sing N N 295 
TRP CH2 HH2  sing N N 296 
TRP OXT HXT  sing N N 297 
TYR N   CA   sing N N 298 
TYR N   H    sing N N 299 
TYR N   H2   sing N N 300 
TYR CA  C    sing N N 301 
TYR CA  CB   sing N N 302 
TYR CA  HA   sing N N 303 
TYR C   O    doub N N 304 
TYR C   OXT  sing N N 305 
TYR CB  CG   sing N N 306 
TYR CB  HB2  sing N N 307 
TYR CB  HB3  sing N N 308 
TYR CG  CD1  doub Y N 309 
TYR CG  CD2  sing Y N 310 
TYR CD1 CE1  sing Y N 311 
TYR CD1 HD1  sing N N 312 
TYR CD2 CE2  doub Y N 313 
TYR CD2 HD2  sing N N 314 
TYR CE1 CZ   doub Y N 315 
TYR CE1 HE1  sing N N 316 
TYR CE2 CZ   sing Y N 317 
TYR CE2 HE2  sing N N 318 
TYR CZ  OH   sing N N 319 
TYR OH  HH   sing N N 320 
TYR OXT HXT  sing N N 321 
VAL N   CA   sing N N 322 
VAL N   H    sing N N 323 
VAL N   H2   sing N N 324 
VAL CA  C    sing N N 325 
VAL CA  CB   sing N N 326 
VAL CA  HA   sing N N 327 
VAL C   O    doub N N 328 
VAL C   OXT  sing N N 329 
VAL CB  CG1  sing N N 330 
VAL CB  CG2  sing N N 331 
VAL CB  HB   sing N N 332 
VAL CG1 HG11 sing N N 333 
VAL CG1 HG12 sing N N 334 
VAL CG1 HG13 sing N N 335 
VAL CG2 HG21 sing N N 336 
VAL CG2 HG22 sing N N 337 
VAL CG2 HG23 sing N N 338 
VAL OXT HXT  sing N N 339 
# 
loop_
_pdbx_nmr_spectrometer.spectrometer_id 
_pdbx_nmr_spectrometer.model 
_pdbx_nmr_spectrometer.manufacturer 
_pdbx_nmr_spectrometer.field_strength 
1 AMX Bruker 500 
2 AMX Bruker 600 
# 
_atom_sites.entry_id                    1NEB 
_atom_sites.fract_transf_matrix[1][1]   1.000000 
_atom_sites.fract_transf_matrix[1][2]   0.000000 
_atom_sites.fract_transf_matrix[1][3]   0.000000 
_atom_sites.fract_transf_matrix[2][1]   0.000000 
_atom_sites.fract_transf_matrix[2][2]   1.000000 
_atom_sites.fract_transf_matrix[2][3]   0.000000 
_atom_sites.fract_transf_matrix[3][1]   0.000000 
_atom_sites.fract_transf_matrix[3][2]   0.000000 
_atom_sites.fract_transf_matrix[3][3]   1.000000 
_atom_sites.fract_transf_vector[1]      0.00000 
_atom_sites.fract_transf_vector[2]      0.00000 
_atom_sites.fract_transf_vector[3]      0.00000 
# 
loop_
_atom_type.symbol 
C 
H 
N 
O 
S 
# 
loop_
_atom_site.group_PDB 
_atom_site.id 
_atom_site.type_symbol 
_atom_site.label_atom_id 
_atom_site.label_alt_id 
_atom_site.label_comp_id 
_atom_site.label_asym_id 
_atom_site.label_entity_id 
_atom_site.label_seq_id 
_atom_site.pdbx_PDB_ins_code 
_atom_site.Cartn_x 
_atom_site.Cartn_y 
_atom_site.Cartn_z 
_atom_site.occupancy 
_atom_site.B_iso_or_equiv 
_atom_site.pdbx_formal_charge 
_atom_site.auth_seq_id 
_atom_site.auth_comp_id 
_atom_site.auth_asym_id 
_atom_site.auth_atom_id 
_atom_site.pdbx_PDB_model_num 
ATOM 1   N N    . THR A 1 1  ? 18.494  5.397   2.153   1.00 6.02 ? 1  THR A N    1 
ATOM 2   C CA   . THR A 1 1  ? 18.235  6.263   0.966   1.00 5.52 ? 1  THR A CA   1 
ATOM 3   C C    . THR A 1 1  ? 16.853  5.962   0.381   1.00 4.82 ? 1  THR A C    1 
ATOM 4   O O    . THR A 1 1  ? 16.684  5.863   -0.818  1.00 4.87 ? 1  THR A O    1 
ATOM 5   C CB   . THR A 1 1  ? 19.333  5.900   -0.036  1.00 5.98 ? 1  THR A CB   1 
ATOM 6   O OG1  . THR A 1 1  ? 19.540  4.494   -0.019  1.00 6.36 ? 1  THR A OG1  1 
ATOM 7   C CG2  . THR A 1 1  ? 20.631  6.613   0.345   1.00 6.43 ? 1  THR A CG2  1 
ATOM 8   H H1   . THR A 1 1  ? 18.172  4.428   1.950   1.00 6.16 ? 1  THR A H1   1 
ATOM 9   H H2   . THR A 1 1  ? 19.512  5.388   2.361   1.00 6.27 ? 1  THR A H2   1 
ATOM 10  H H3   . THR A 1 1  ? 17.977  5.771   2.974   1.00 6.31 ? 1  THR A H3   1 
ATOM 11  H HA   . THR A 1 1  ? 18.313  7.304   1.235   1.00 5.73 ? 1  THR A HA   1 
ATOM 12  H HB   . THR A 1 1  ? 19.034  6.209   -1.025  1.00 6.09 ? 1  THR A HB   1 
ATOM 13  H HG1  . THR A 1 1  ? 19.617  4.195   -0.928  1.00 6.55 ? 1  THR A HG1  1 
ATOM 14  H HG21 . THR A 1 1  ? 20.403  7.600   0.719   1.00 6.70 ? 1  THR A HG21 1 
ATOM 15  H HG22 . THR A 1 1  ? 21.142  6.047   1.110   1.00 6.57 ? 1  THR A HG22 1 
ATOM 16  H HG23 . THR A 1 1  ? 21.265  6.695   -0.526  1.00 6.65 ? 1  THR A HG23 1 
ATOM 17  N N    . ALA A 1 2  ? 15.863  5.814   1.220   1.00 4.47 ? 2  ALA A N    1 
ATOM 18  C CA   . ALA A 1 2  ? 14.494  5.519   0.711   1.00 3.94 ? 2  ALA A CA   1 
ATOM 19  C C    . ALA A 1 2  ? 13.452  5.823   1.792   1.00 3.40 ? 2  ALA A C    1 
ATOM 20  O O    . ALA A 1 2  ? 12.736  4.950   2.241   1.00 3.73 ? 2  ALA A O    1 
ATOM 21  C CB   . ALA A 1 2  ? 14.506  4.026   0.383   1.00 4.79 ? 2  ALA A CB   1 
ATOM 22  H H    . ALA A 1 2  ? 16.022  5.898   2.183   1.00 4.78 ? 2  ALA A H    1 
ATOM 23  H HA   . ALA A 1 2  ? 14.290  6.092   -0.180  1.00 3.72 ? 2  ALA A HA   1 
ATOM 24  H HB1  . ALA A 1 2  ? 15.361  3.562   0.851   1.00 5.18 ? 2  ALA A HB1  1 
ATOM 25  H HB2  . ALA A 1 2  ? 13.600  3.568   0.753   1.00 4.89 ? 2  ALA A HB2  1 
ATOM 26  H HB3  . ALA A 1 2  ? 14.565  3.894   -0.687  1.00 5.20 ? 2  ALA A HB3  1 
ATOM 27  N N    . GLY A 1 3  ? 13.361  7.056   2.212   1.00 3.02 ? 3  GLY A N    1 
ATOM 28  C CA   . GLY A 1 3  ? 12.368  7.413   3.263   1.00 2.94 ? 3  GLY A CA   1 
ATOM 29  C C    . GLY A 1 3  ? 11.209  8.186   2.629   1.00 2.31 ? 3  GLY A C    1 
ATOM 30  O O    . GLY A 1 3  ? 10.537  8.961   3.282   1.00 2.55 ? 3  GLY A O    1 
ATOM 31  H H    . GLY A 1 3  ? 13.948  7.746   1.837   1.00 3.17 ? 3  GLY A H    1 
ATOM 32  H HA2  . GLY A 1 3  ? 11.991  6.511   3.724   1.00 3.56 ? 3  GLY A HA2  1 
ATOM 33  H HA3  . GLY A 1 3  ? 12.841  8.031   4.011   1.00 3.03 ? 3  GLY A HA3  1 
ATOM 34  N N    . LYS A 1 4  ? 10.969  7.982   1.363   1.00 1.78 ? 4  LYS A N    1 
ATOM 35  C CA   . LYS A 1 4  ? 9.854   8.705   0.689   1.00 1.34 ? 4  LYS A CA   1 
ATOM 36  C C    . LYS A 1 4  ? 8.529   8.414   1.399   1.00 1.31 ? 4  LYS A C    1 
ATOM 37  O O    . LYS A 1 4  ? 8.466   7.616   2.313   1.00 2.02 ? 4  LYS A O    1 
ATOM 38  C CB   . LYS A 1 4  ? 9.832   8.152   -0.736  1.00 1.39 ? 4  LYS A CB   1 
ATOM 39  C CG   . LYS A 1 4  ? 11.151  8.488   -1.434  1.00 1.74 ? 4  LYS A CG   1 
ATOM 40  C CD   . LYS A 1 4  ? 10.906  8.660   -2.934  1.00 2.18 ? 4  LYS A CD   1 
ATOM 41  C CE   . LYS A 1 4  ? 10.911  10.150  -3.285  1.00 3.03 ? 4  LYS A CE   1 
ATOM 42  N NZ   . LYS A 1 4  ? 9.595   10.661  -2.809  1.00 3.68 ? 4  LYS A NZ   1 
ATOM 43  H H    . LYS A 1 4  ? 11.522  7.353   0.854   1.00 1.96 ? 4  LYS A H    1 
ATOM 44  H HA   . LYS A 1 4  ? 10.048  9.765   0.670   1.00 1.47 ? 4  LYS A HA   1 
ATOM 45  H HB2  . LYS A 1 4  ? 9.702   7.080   -0.704  1.00 1.67 ? 4  LYS A HB2  1 
ATOM 46  H HB3  . LYS A 1 4  ? 9.015   8.597   -1.281  1.00 1.41 ? 4  LYS A HB3  1 
ATOM 47  H HG2  . LYS A 1 4  ? 11.551  9.404   -1.025  1.00 2.03 ? 4  LYS A HG2  1 
ATOM 48  H HG3  . LYS A 1 4  ? 11.856  7.684   -1.277  1.00 1.87 ? 4  LYS A HG3  1 
ATOM 49  H HD2  . LYS A 1 4  ? 11.686  8.156   -3.486  1.00 2.37 ? 4  LYS A HD2  1 
ATOM 50  H HD3  . LYS A 1 4  ? 9.948   8.235   -3.193  1.00 2.50 ? 4  LYS A HD3  1 
ATOM 51  H HE2  . LYS A 1 4  ? 11.721  10.652  -2.772  1.00 3.43 ? 4  LYS A HE2  1 
ATOM 52  H HE3  . LYS A 1 4  ? 10.997  10.286  -4.351  1.00 3.35 ? 4  LYS A HE3  1 
ATOM 53  H HZ1  . LYS A 1 4  ? 9.501   10.478  -1.788  1.00 3.83 ? 4  LYS A HZ1  1 
ATOM 54  H HZ2  . LYS A 1 4  ? 9.536   11.683  -2.986  1.00 4.06 ? 4  LYS A HZ2  1 
ATOM 55  H HZ3  . LYS A 1 4  ? 8.831   10.178  -3.320  1.00 4.07 ? 4  LYS A HZ3  1 
ATOM 56  N N    . ILE A 1 5  ? 7.471   9.057   0.987   1.00 1.24 ? 5  ILE A N    1 
ATOM 57  C CA   . ILE A 1 5  ? 6.152   8.816   1.640   1.00 1.13 ? 5  ILE A CA   1 
ATOM 58  C C    . ILE A 1 5  ? 5.067   8.602   0.580   1.00 0.99 ? 5  ILE A C    1 
ATOM 59  O O    . ILE A 1 5  ? 5.019   9.288   -0.421  1.00 1.13 ? 5  ILE A O    1 
ATOM 60  C CB   . ILE A 1 5  ? 5.872   10.084  2.445   1.00 1.14 ? 5  ILE A CB   1 
ATOM 61  C CG1  . ILE A 1 5  ? 6.935   10.239  3.536   1.00 1.58 ? 5  ILE A CG1  1 
ATOM 62  C CG2  . ILE A 1 5  ? 4.489   9.983   3.093   1.00 1.54 ? 5  ILE A CG2  1 
ATOM 63  C CD1  . ILE A 1 5  ? 7.620   11.598  3.393   1.00 2.12 ? 5  ILE A CD1  1 
ATOM 64  H H    . ILE A 1 5  ? 7.542   9.696   0.248   1.00 1.80 ? 5  ILE A H    1 
ATOM 65  H HA   . ILE A 1 5  ? 6.208   7.965   2.300   1.00 1.22 ? 5  ILE A HA   1 
ATOM 66  H HB   . ILE A 1 5  ? 5.900   10.941  1.789   1.00 1.37 ? 5  ILE A HB   1 
ATOM 67  H HG12 . ILE A 1 5  ? 6.465   10.172  4.508   1.00 2.16 ? 5  ILE A HG12 1 
ATOM 68  H HG13 . ILE A 1 5  ? 7.670   9.455   3.437   1.00 1.87 ? 5  ILE A HG13 1 
ATOM 69  H HG21 . ILE A 1 5  ? 3.765   9.685   2.350   1.00 1.92 ? 5  ILE A HG21 1 
ATOM 70  H HG22 . ILE A 1 5  ? 4.515   9.250   3.885   1.00 1.73 ? 5  ILE A HG22 1 
ATOM 71  H HG23 . ILE A 1 5  ? 4.212   10.944  3.501   1.00 2.01 ? 5  ILE A HG23 1 
ATOM 72  H HD11 . ILE A 1 5  ? 7.432   11.994  2.405   1.00 2.53 ? 5  ILE A HD11 1 
ATOM 73  H HD12 . ILE A 1 5  ? 7.228   12.280  4.134   1.00 2.46 ? 5  ILE A HD12 1 
ATOM 74  H HD13 . ILE A 1 5  ? 8.684   11.482  3.537   1.00 2.58 ? 5  ILE A HD13 1 
ATOM 75  N N    . PHE A 1 6  ? 4.196   7.654   0.794   1.00 0.81 ? 6  PHE A N    1 
ATOM 76  C CA   . PHE A 1 6  ? 3.115   7.396   -0.202  1.00 0.69 ? 6  PHE A CA   1 
ATOM 77  C C    . PHE A 1 6  ? 1.745   7.683   0.421   1.00 0.58 ? 6  PHE A C    1 
ATOM 78  O O    . PHE A 1 6  ? 1.635   7.969   1.596   1.00 0.64 ? 6  PHE A O    1 
ATOM 79  C CB   . PHE A 1 6  ? 3.246   5.914   -0.553  1.00 0.78 ? 6  PHE A CB   1 
ATOM 80  C CG   . PHE A 1 6  ? 4.420   5.719   -1.482  1.00 0.86 ? 6  PHE A CG   1 
ATOM 81  C CD1  . PHE A 1 6  ? 5.719   5.984   -1.033  1.00 1.02 ? 6  PHE A CD1  1 
ATOM 82  C CD2  . PHE A 1 6  ? 4.209   5.272   -2.791  1.00 0.86 ? 6  PHE A CD2  1 
ATOM 83  C CE1  . PHE A 1 6  ? 6.808   5.801   -1.893  1.00 1.12 ? 6  PHE A CE1  1 
ATOM 84  C CE2  . PHE A 1 6  ? 5.298   5.089   -3.652  1.00 0.97 ? 6  PHE A CE2  1 
ATOM 85  C CZ   . PHE A 1 6  ? 6.597   5.354   -3.203  1.00 1.07 ? 6  PHE A CZ   1 
ATOM 86  H H    . PHE A 1 6  ? 4.252   7.111   1.607   1.00 0.84 ? 6  PHE A H    1 
ATOM 87  H HA   . PHE A 1 6  ? 3.263   7.999   -1.083  1.00 0.69 ? 6  PHE A HA   1 
ATOM 88  H HB2  . PHE A 1 6  ? 3.400   5.342   0.350   1.00 0.87 ? 6  PHE A HB2  1 
ATOM 89  H HB3  . PHE A 1 6  ? 2.343   5.579   -1.041  1.00 0.76 ? 6  PHE A HB3  1 
ATOM 90  H HD1  . PHE A 1 6  ? 5.882   6.329   -0.022  1.00 1.13 ? 6  PHE A HD1  1 
ATOM 91  H HD2  . PHE A 1 6  ? 3.207   5.067   -3.138  1.00 0.86 ? 6  PHE A HD2  1 
ATOM 92  H HE1  . PHE A 1 6  ? 7.810   6.006   -1.547  1.00 1.28 ? 6  PHE A HE1  1 
ATOM 93  H HE2  . PHE A 1 6  ? 5.136   4.744   -4.662  1.00 1.05 ? 6  PHE A HE2  1 
ATOM 94  H HZ   . PHE A 1 6  ? 7.438   5.214   -3.867  1.00 1.17 ? 6  PHE A HZ   1 
ATOM 95  N N    . ARG A 1 7  ? 0.701   7.608   -0.358  1.00 0.51 ? 7  ARG A N    1 
ATOM 96  C CA   . ARG A 1 7  ? -0.659  7.876   0.189   1.00 0.44 ? 7  ARG A CA   1 
ATOM 97  C C    . ARG A 1 7  ? -1.719  7.167   -0.658  1.00 0.41 ? 7  ARG A C    1 
ATOM 98  O O    . ARG A 1 7  ? -1.651  7.152   -1.871  1.00 0.56 ? 7  ARG A O    1 
ATOM 99  C CB   . ARG A 1 7  ? -0.830  9.393   0.104   1.00 0.49 ? 7  ARG A CB   1 
ATOM 100 C CG   . ARG A 1 7  ? -2.189  9.789   0.684   1.00 0.65 ? 7  ARG A CG   1 
ATOM 101 C CD   . ARG A 1 7  ? -2.398  11.296  0.516   1.00 1.10 ? 7  ARG A CD   1 
ATOM 102 N NE   . ARG A 1 7  ? -3.551  11.423  -0.417  1.00 1.67 ? 7  ARG A NE   1 
ATOM 103 C CZ   . ARG A 1 7  ? -4.492  12.294  -0.175  1.00 2.07 ? 7  ARG A CZ   1 
ATOM 104 N NH1  . ARG A 1 7  ? -4.291  13.558  -0.430  1.00 2.73 ? 7  ARG A NH1  1 
ATOM 105 N NH2  . ARG A 1 7  ? -5.635  11.901  0.319   1.00 2.52 ? 7  ARG A NH2  1 
ATOM 106 H H    . ARG A 1 7  ? 0.811   7.376   -1.305  1.00 0.57 ? 7  ARG A H    1 
ATOM 107 H HA   . ARG A 1 7  ? -0.722  7.556   1.217   1.00 0.45 ? 7  ARG A HA   1 
ATOM 108 H HB2  . ARG A 1 7  ? -0.043  9.876   0.666   1.00 0.53 ? 7  ARG A HB2  1 
ATOM 109 H HB3  . ARG A 1 7  ? -0.777  9.704   -0.929  1.00 0.66 ? 7  ARG A HB3  1 
ATOM 110 H HG2  . ARG A 1 7  ? -2.971  9.256   0.162   1.00 0.99 ? 7  ARG A HG2  1 
ATOM 111 H HG3  . ARG A 1 7  ? -2.220  9.538   1.733   1.00 0.89 ? 7  ARG A HG3  1 
ATOM 112 H HD2  . ARG A 1 7  ? -2.629  11.750  1.470   1.00 1.64 ? 7  ARG A HD2  1 
ATOM 113 H HD3  . ARG A 1 7  ? -1.520  11.752  0.084   1.00 1.65 ? 7  ARG A HD3  1 
ATOM 114 H HE   . ARG A 1 7  ? -3.605  10.851  -1.210  1.00 2.29 ? 7  ARG A HE   1 
ATOM 115 H HH11 . ARG A 1 7  ? -3.417  13.859  -0.809  1.00 3.07 ? 7  ARG A HH11 1 
ATOM 116 H HH12 . ARG A 1 7  ? -5.013  14.226  -0.246  1.00 3.22 ? 7  ARG A HH12 1 
ATOM 117 H HH21 . ARG A 1 7  ? -5.789  10.933  0.515   1.00 2.76 ? 7  ARG A HH21 1 
ATOM 118 H HH22 . ARG A 1 7  ? -6.355  12.569  0.504   1.00 3.02 ? 7  ARG A HH22 1 
ATOM 119 N N    . ALA A 1 8  ? -2.699  6.578   -0.028  1.00 0.36 ? 8  ALA A N    1 
ATOM 120 C CA   . ALA A 1 8  ? -3.762  5.871   -0.798  1.00 0.35 ? 8  ALA A CA   1 
ATOM 121 C C    . ALA A 1 8  ? -4.933  6.817   -1.073  1.00 0.37 ? 8  ALA A C    1 
ATOM 122 O O    . ALA A 1 8  ? -5.352  7.568   -0.214  1.00 0.52 ? 8  ALA A O    1 
ATOM 123 C CB   . ALA A 1 8  ? -4.205  4.719   0.104   1.00 0.36 ? 8  ALA A CB   1 
ATOM 124 H H    . ALA A 1 8  ? -2.736  6.601   0.951   1.00 0.47 ? 8  ALA A H    1 
ATOM 125 H HA   . ALA A 1 8  ? -3.364  5.483   -1.722  1.00 0.38 ? 8  ALA A HA   1 
ATOM 126 H HB1  . ALA A 1 8  ? -3.381  4.415   0.733   1.00 0.65 ? 8  ALA A HB1  1 
ATOM 127 H HB2  . ALA A 1 8  ? -5.029  5.042   0.723   1.00 0.64 ? 8  ALA A HB2  1 
ATOM 128 H HB3  . ALA A 1 8  ? -4.518  3.884   -0.505  1.00 0.68 ? 8  ALA A HB3  1 
ATOM 129 N N    . MET A 1 9  ? -5.467  6.787   -2.264  1.00 0.43 ? 9  MET A N    1 
ATOM 130 C CA   . MET A 1 9  ? -6.611  7.686   -2.591  1.00 0.50 ? 9  MET A CA   1 
ATOM 131 C C    . MET A 1 9  ? -7.863  6.862   -2.903  1.00 0.54 ? 9  MET A C    1 
ATOM 132 O O    . MET A 1 9  ? -8.797  7.344   -3.513  1.00 0.68 ? 9  MET A O    1 
ATOM 133 C CB   . MET A 1 9  ? -6.162  8.465   -3.827  1.00 0.55 ? 9  MET A CB   1 
ATOM 134 C CG   . MET A 1 9  ? -5.293  9.648   -3.397  1.00 0.97 ? 9  MET A CG   1 
ATOM 135 S SD   . MET A 1 9  ? -4.002  9.930   -4.634  1.00 1.37 ? 9  MET A SD   1 
ATOM 136 C CE   . MET A 1 9  ? -5.095  10.356  -6.011  1.00 1.71 ? 9  MET A CE   1 
ATOM 137 H H    . MET A 1 9  ? -5.114  6.174   -2.943  1.00 0.53 ? 9  MET A H    1 
ATOM 138 H HA   . MET A 1 9  ? -6.800  8.366   -1.776  1.00 0.58 ? 9  MET A HA   1 
ATOM 139 H HB2  . MET A 1 9  ? -5.591  7.814   -4.475  1.00 0.63 ? 9  MET A HB2  1 
ATOM 140 H HB3  . MET A 1 9  ? -7.028  8.831   -4.356  1.00 0.87 ? 9  MET A HB3  1 
ATOM 141 H HG2  . MET A 1 9  ? -5.907  10.533  -3.310  1.00 1.47 ? 9  MET A HG2  1 
ATOM 142 H HG3  . MET A 1 9  ? -4.836  9.432   -2.443  1.00 1.42 ? 9  MET A HG3  1 
ATOM 143 H HE1  . MET A 1 9  ? -5.809  11.097  -5.690  1.00 2.16 ? 9  MET A HE1  1 
ATOM 144 H HE2  . MET A 1 9  ? -4.507  10.755  -6.826  1.00 2.12 ? 9  MET A HE2  1 
ATOM 145 H HE3  . MET A 1 9  ? -5.620  9.469   -6.340  1.00 2.28 ? 9  MET A HE3  1 
ATOM 146 N N    . TYR A 1 10 ? -7.891  5.623   -2.493  1.00 0.53 ? 10 TYR A N    1 
ATOM 147 C CA   . TYR A 1 10 ? -9.085  4.774   -2.770  1.00 0.60 ? 10 TYR A CA   1 
ATOM 148 C C    . TYR A 1 10 ? -9.358  3.840   -1.588  1.00 0.62 ? 10 TYR A C    1 
ATOM 149 O O    . TYR A 1 10 ? -8.473  3.166   -1.100  1.00 1.25 ? 10 TYR A O    1 
ATOM 150 C CB   . TYR A 1 10 ? -8.713  3.964   -4.011  1.00 0.60 ? 10 TYR A CB   1 
ATOM 151 C CG   . TYR A 1 10 ? -8.557  4.888   -5.194  1.00 0.64 ? 10 TYR A CG   1 
ATOM 152 C CD1  . TYR A 1 10 ? -9.586  5.775   -5.533  1.00 1.23 ? 10 TYR A CD1  1 
ATOM 153 C CD2  . TYR A 1 10 ? -7.382  4.856   -5.954  1.00 1.49 ? 10 TYR A CD2  1 
ATOM 154 C CE1  . TYR A 1 10 ? -9.439  6.630   -6.633  1.00 1.28 ? 10 TYR A CE1  1 
ATOM 155 C CE2  . TYR A 1 10 ? -7.235  5.710   -7.054  1.00 1.53 ? 10 TYR A CE2  1 
ATOM 156 C CZ   . TYR A 1 10 ? -8.263  6.597   -7.393  1.00 0.80 ? 10 TYR A CZ   1 
ATOM 157 O OH   . TYR A 1 10 ? -8.119  7.439   -8.477  1.00 0.91 ? 10 TYR A OH   1 
ATOM 158 H H    . TYR A 1 10 ? -7.130  5.249   -2.004  1.00 0.55 ? 10 TYR A H    1 
ATOM 159 H HA   . TYR A 1 10 ? -9.947  5.389   -2.974  1.00 0.71 ? 10 TYR A HA   1 
ATOM 160 H HB2  . TYR A 1 10 ? -7.782  3.445   -3.835  1.00 0.54 ? 10 TYR A HB2  1 
ATOM 161 H HB3  . TYR A 1 10 ? -9.491  3.246   -4.217  1.00 0.73 ? 10 TYR A HB3  1 
ATOM 162 H HD1  . TYR A 1 10 ? -10.492 5.801   -4.947  1.00 2.06 ? 10 TYR A HD1  1 
ATOM 163 H HD2  . TYR A 1 10 ? -6.589  4.173   -5.692  1.00 2.35 ? 10 TYR A HD2  1 
ATOM 164 H HE1  . TYR A 1 10 ? -10.232 7.314   -6.895  1.00 2.12 ? 10 TYR A HE1  1 
ATOM 165 H HE2  . TYR A 1 10 ? -6.328  5.683   -7.640  1.00 2.38 ? 10 TYR A HE2  1 
ATOM 166 H HH   . TYR A 1 10 ? -8.572  8.261   -8.276  1.00 1.44 ? 10 TYR A HH   1 
ATOM 167 N N    . ASP A 1 11 ? -10.578 3.791   -1.126  1.00 0.58 ? 11 ASP A N    1 
ATOM 168 C CA   . ASP A 1 11 ? -10.904 2.894   0.019   1.00 0.52 ? 11 ASP A CA   1 
ATOM 169 C C    . ASP A 1 11 ? -11.008 1.445   -0.465  1.00 0.47 ? 11 ASP A C    1 
ATOM 170 O O    . ASP A 1 11 ? -12.077 0.961   -0.776  1.00 0.62 ? 11 ASP A O    1 
ATOM 171 C CB   . ASP A 1 11 ? -12.255 3.388   0.537   1.00 0.62 ? 11 ASP A CB   1 
ATOM 172 C CG   . ASP A 1 11 ? -12.724 2.488   1.683   1.00 1.48 ? 11 ASP A CG   1 
ATOM 173 O OD1  . ASP A 1 11 ? -11.888 1.810   2.257   1.00 2.07 ? 11 ASP A OD1  1 
ATOM 174 O OD2  . ASP A 1 11 ? -13.911 2.493   1.966   1.00 2.34 ? 11 ASP A OD2  1 
ATOM 175 H H    . ASP A 1 11 ? -11.280 4.340   -1.535  1.00 1.07 ? 11 ASP A H    1 
ATOM 176 H HA   . ASP A 1 11 ? -10.157 2.983   0.792   1.00 0.52 ? 11 ASP A HA   1 
ATOM 177 H HB2  . ASP A 1 11 ? -12.155 4.403   0.893   1.00 1.24 ? 11 ASP A HB2  1 
ATOM 178 H HB3  . ASP A 1 11 ? -12.980 3.356   -0.262  1.00 1.14 ? 11 ASP A HB3  1 
ATOM 179 N N    . TYR A 1 12 ? -9.905  0.752   -0.533  1.00 0.49 ? 12 TYR A N    1 
ATOM 180 C CA   . TYR A 1 12 ? -9.943  -0.664  -1.002  1.00 0.48 ? 12 TYR A CA   1 
ATOM 181 C C    . TYR A 1 12 ? -10.318 -1.600  0.149   1.00 0.48 ? 12 TYR A C    1 
ATOM 182 O O    . TYR A 1 12 ? -10.234 -1.242  1.307   1.00 0.55 ? 12 TYR A O    1 
ATOM 183 C CB   . TYR A 1 12 ? -8.525  -0.960  -1.489  1.00 0.47 ? 12 TYR A CB   1 
ATOM 184 C CG   . TYR A 1 12 ? -8.492  -2.334  -2.111  1.00 0.49 ? 12 TYR A CG   1 
ATOM 185 C CD1  . TYR A 1 12 ? -9.424  -2.674  -3.098  1.00 1.42 ? 12 TYR A CD1  1 
ATOM 186 C CD2  . TYR A 1 12 ? -7.535  -3.269  -1.699  1.00 1.17 ? 12 TYR A CD2  1 
ATOM 187 C CE1  . TYR A 1 12 ? -9.400  -3.948  -3.675  1.00 1.44 ? 12 TYR A CE1  1 
ATOM 188 C CE2  . TYR A 1 12 ? -7.511  -4.546  -2.276  1.00 1.18 ? 12 TYR A CE2  1 
ATOM 189 C CZ   . TYR A 1 12 ? -8.444  -4.884  -3.264  1.00 0.57 ? 12 TYR A CZ   1 
ATOM 190 O OH   . TYR A 1 12 ? -8.420  -6.142  -3.833  1.00 0.63 ? 12 TYR A OH   1 
ATOM 191 H H    . TYR A 1 12 ? -9.051  1.162   -0.281  1.00 0.66 ? 12 TYR A H    1 
ATOM 192 H HA   . TYR A 1 12 ? -10.640 -0.772  -1.819  1.00 0.55 ? 12 TYR A HA   1 
ATOM 193 H HB2  . TYR A 1 12 ? -8.233  -0.223  -2.223  1.00 0.55 ? 12 TYR A HB2  1 
ATOM 194 H HB3  . TYR A 1 12 ? -7.843  -0.928  -0.652  1.00 0.44 ? 12 TYR A HB3  1 
ATOM 195 H HD1  . TYR A 1 12 ? -10.162 -1.952  -3.415  1.00 2.31 ? 12 TYR A HD1  1 
ATOM 196 H HD2  . TYR A 1 12 ? -6.816  -3.006  -0.937  1.00 2.06 ? 12 TYR A HD2  1 
ATOM 197 H HE1  . TYR A 1 12 ? -10.120 -4.209  -4.436  1.00 2.34 ? 12 TYR A HE1  1 
ATOM 198 H HE2  . TYR A 1 12 ? -6.774  -5.267  -1.959  1.00 2.06 ? 12 TYR A HE2  1 
ATOM 199 H HH   . TYR A 1 12 ? -8.224  -6.041  -4.767  1.00 1.09 ? 12 TYR A HH   1 
ATOM 200 N N    . MET A 1 13 ? -10.728 -2.798  -0.165  1.00 0.57 ? 13 MET A N    1 
ATOM 201 C CA   . MET A 1 13 ? -11.105 -3.764  0.906   1.00 0.62 ? 13 MET A CA   1 
ATOM 202 C C    . MET A 1 13 ? -10.438 -5.117  0.646   1.00 0.56 ? 13 MET A C    1 
ATOM 203 O O    . MET A 1 13 ? -10.858 -5.875  -0.206  1.00 0.90 ? 13 MET A O    1 
ATOM 204 C CB   . MET A 1 13 ? -12.626 -3.889  0.811   1.00 0.78 ? 13 MET A CB   1 
ATOM 205 C CG   . MET A 1 13 ? -13.278 -2.995  1.869   1.00 1.32 ? 13 MET A CG   1 
ATOM 206 S SD   . MET A 1 13 ? -14.493 -3.955  2.811   1.00 1.47 ? 13 MET A SD   1 
ATOM 207 C CE   . MET A 1 13 ? -15.929 -3.584  1.774   1.00 2.80 ? 13 MET A CE   1 
ATOM 208 H H    . MET A 1 13 ? -10.784 -3.065  -1.106  1.00 0.71 ? 13 MET A H    1 
ATOM 209 H HA   . MET A 1 13 ? -10.825 -3.384  1.874   1.00 0.62 ? 13 MET A HA   1 
ATOM 210 H HB2  . MET A 1 13 ? -12.951 -3.580  -0.173  1.00 1.26 ? 13 MET A HB2  1 
ATOM 211 H HB3  . MET A 1 13 ? -12.915 -4.916  0.980   1.00 1.28 ? 13 MET A HB3  1 
ATOM 212 H HG2  . MET A 1 13 ? -12.520 -2.620  2.539   1.00 2.02 ? 13 MET A HG2  1 
ATOM 213 H HG3  . MET A 1 13 ? -13.773 -2.166  1.384   1.00 1.85 ? 13 MET A HG3  1 
ATOM 214 H HE1  . MET A 1 13 ? -15.936 -2.528  1.535   1.00 3.29 ? 13 MET A HE1  1 
ATOM 215 H HE2  . MET A 1 13 ? -15.875 -4.165  0.864   1.00 3.21 ? 13 MET A HE2  1 
ATOM 216 H HE3  . MET A 1 13 ? -16.833 -3.835  2.305   1.00 3.30 ? 13 MET A HE3  1 
ATOM 217 N N    . ALA A 1 14 ? -9.398  -5.426  1.373   1.00 0.66 ? 14 ALA A N    1 
ATOM 218 C CA   . ALA A 1 14 ? -8.698  -6.730  1.167   1.00 0.70 ? 14 ALA A CA   1 
ATOM 219 C C    . ALA A 1 14 ? -9.706  -7.885  1.159   1.00 0.82 ? 14 ALA A C    1 
ATOM 220 O O    . ALA A 1 14 ? -10.376 -8.144  2.138   1.00 1.08 ? 14 ALA A O    1 
ATOM 221 C CB   . ALA A 1 14 ? -7.746  -6.860  2.356   1.00 0.70 ? 14 ALA A CB   1 
ATOM 222 H H    . ALA A 1 14 ? -9.073  -4.800  2.053   1.00 0.99 ? 14 ALA A H    1 
ATOM 223 H HA   . ALA A 1 14 ? -8.137  -6.714  0.246   1.00 0.70 ? 14 ALA A HA   1 
ATOM 224 H HB1  . ALA A 1 14 ? -7.537  -5.879  2.757   1.00 0.73 ? 14 ALA A HB1  1 
ATOM 225 H HB2  . ALA A 1 14 ? -8.205  -7.471  3.119   1.00 0.85 ? 14 ALA A HB2  1 
ATOM 226 H HB3  . ALA A 1 14 ? -6.825  -7.320  2.031   1.00 0.70 ? 14 ALA A HB3  1 
ATOM 227 N N    . ALA A 1 15 ? -9.817  -8.577  0.058   1.00 0.72 ? 15 ALA A N    1 
ATOM 228 C CA   . ALA A 1 15 ? -10.781 -9.713  -0.013  1.00 0.87 ? 15 ALA A CA   1 
ATOM 229 C C    . ALA A 1 15 ? -10.101 -11.013 0.423   1.00 0.87 ? 15 ALA A C    1 
ATOM 230 O O    . ALA A 1 15 ? -10.747 -11.950 0.850   1.00 1.06 ? 15 ALA A O    1 
ATOM 231 C CB   . ALA A 1 15 ? -11.192 -9.790  -1.483  1.00 1.01 ? 15 ALA A CB   1 
ATOM 232 H H    . ALA A 1 15 ? -9.268  -8.351  -0.722  1.00 0.63 ? 15 ALA A H    1 
ATOM 233 H HA   . ALA A 1 15 ? -11.645 -9.513  0.601   1.00 1.00 ? 15 ALA A HA   1 
ATOM 234 H HB1  . ALA A 1 15 ? -10.334 -9.595  -2.109  1.00 1.30 ? 15 ALA A HB1  1 
ATOM 235 H HB2  . ALA A 1 15 ? -11.578 -10.775 -1.698  1.00 1.19 ? 15 ALA A HB2  1 
ATOM 236 H HB3  . ALA A 1 15 ? -11.957 -9.053  -1.682  1.00 1.47 ? 15 ALA A HB3  1 
ATOM 237 N N    . ASP A 1 16 ? -8.802  -11.080 0.319   1.00 0.79 ? 16 ASP A N    1 
ATOM 238 C CA   . ASP A 1 16 ? -8.084  -12.322 0.727   1.00 0.97 ? 16 ASP A CA   1 
ATOM 239 C C    . ASP A 1 16 ? -6.864  -11.971 1.583   1.00 0.94 ? 16 ASP A C    1 
ATOM 240 O O    . ASP A 1 16 ? -6.689  -10.843 2.000   1.00 1.36 ? 16 ASP A O    1 
ATOM 241 C CB   . ASP A 1 16 ? -7.648  -12.976 -0.584  1.00 1.15 ? 16 ASP A CB   1 
ATOM 242 C CG   . ASP A 1 16 ? -8.375  -14.311 -0.755  1.00 1.73 ? 16 ASP A CG   1 
ATOM 243 O OD1  . ASP A 1 16 ? -9.596  -14.302 -0.758  1.00 2.18 ? 16 ASP A OD1  1 
ATOM 244 O OD2  . ASP A 1 16 ? -7.700  -15.319 -0.880  1.00 2.42 ? 16 ASP A OD2  1 
ATOM 245 H H    . ASP A 1 16 ? -8.298  -10.314 -0.029  1.00 0.72 ? 16 ASP A H    1 
ATOM 246 H HA   . ASP A 1 16 ? -8.747  -12.980 1.266   1.00 1.14 ? 16 ASP A HA   1 
ATOM 247 H HB2  . ASP A 1 16 ? -7.892  -12.323 -1.410  1.00 1.50 ? 16 ASP A HB2  1 
ATOM 248 H HB3  . ASP A 1 16 ? -6.583  -13.149 -0.563  1.00 1.29 ? 16 ASP A HB3  1 
ATOM 249 N N    . ALA A 1 17 ? -6.018  -12.929 1.848   1.00 0.93 ? 17 ALA A N    1 
ATOM 250 C CA   . ALA A 1 17 ? -4.811  -12.651 2.677   1.00 0.94 ? 17 ALA A CA   1 
ATOM 251 C C    . ALA A 1 17 ? -3.619  -12.312 1.778   1.00 0.96 ? 17 ALA A C    1 
ATOM 252 O O    . ALA A 1 17 ? -2.476  -12.425 2.177   1.00 1.21 ? 17 ALA A O    1 
ATOM 253 C CB   . ALA A 1 17 ? -4.552  -13.946 3.447   1.00 1.08 ? 17 ALA A CB   1 
ATOM 254 H H    . ALA A 1 17 ? -6.179  -13.832 1.503   1.00 1.24 ? 17 ALA A H    1 
ATOM 255 H HA   . ALA A 1 17 ? -5.005  -11.844 3.367   1.00 0.93 ? 17 ALA A HA   1 
ATOM 256 H HB1  . ALA A 1 17 ? -5.461  -14.260 3.938   1.00 1.35 ? 17 ALA A HB1  1 
ATOM 257 H HB2  . ALA A 1 17 ? -4.230  -14.714 2.760   1.00 1.26 ? 17 ALA A HB2  1 
ATOM 258 H HB3  . ALA A 1 17 ? -3.783  -13.777 4.187   1.00 1.12 ? 17 ALA A HB3  1 
ATOM 259 N N    . ASP A 1 18 ? -3.875  -11.897 0.567   1.00 0.94 ? 18 ASP A N    1 
ATOM 260 C CA   . ASP A 1 18 ? -2.755  -11.552 -0.355  1.00 1.05 ? 18 ASP A CA   1 
ATOM 261 C C    . ASP A 1 18 ? -2.373  -10.078 -0.192  1.00 0.76 ? 18 ASP A C    1 
ATOM 262 O O    . ASP A 1 18 ? -1.229  -9.702  -0.355  1.00 0.86 ? 18 ASP A O    1 
ATOM 263 C CB   . ASP A 1 18 ? -3.306  -11.811 -1.758  1.00 1.28 ? 18 ASP A CB   1 
ATOM 264 C CG   . ASP A 1 18 ? -2.647  -13.061 -2.343  1.00 1.60 ? 18 ASP A CG   1 
ATOM 265 O OD1  . ASP A 1 18 ? -1.550  -12.941 -2.864  1.00 2.03 ? 18 ASP A OD1  1 
ATOM 266 O OD2  . ASP A 1 18 ? -3.250  -14.119 -2.260  1.00 2.13 ? 18 ASP A OD2  1 
ATOM 267 H H    . ASP A 1 18 ? -4.803  -11.812 0.265   1.00 1.02 ? 18 ASP A H    1 
ATOM 268 H HA   . ASP A 1 18 ? -1.903  -12.187 -0.170  1.00 1.31 ? 18 ASP A HA   1 
ATOM 269 H HB2  . ASP A 1 18 ? -4.375  -11.959 -1.703  1.00 1.57 ? 18 ASP A HB2  1 
ATOM 270 H HB3  . ASP A 1 18 ? -3.091  -10.964 -2.392  1.00 1.23 ? 18 ASP A HB3  1 
ATOM 271 N N    . GLU A 1 19 ? -3.322  -9.243  0.129   1.00 0.52 ? 19 GLU A N    1 
ATOM 272 C CA   . GLU A 1 19 ? -3.013  -7.794  0.303   1.00 0.41 ? 19 GLU A CA   1 
ATOM 273 C C    . GLU A 1 19 ? -3.561  -7.294  1.642   1.00 0.32 ? 19 GLU A C    1 
ATOM 274 O O    . GLU A 1 19 ? -3.963  -8.069  2.488   1.00 0.53 ? 19 GLU A O    1 
ATOM 275 C CB   . GLU A 1 19 ? -3.718  -7.091  -0.858  1.00 0.79 ? 19 GLU A CB   1 
ATOM 276 C CG   . GLU A 1 19 ? -5.204  -7.462  -0.859  1.00 0.71 ? 19 GLU A CG   1 
ATOM 277 C CD   . GLU A 1 19 ? -5.519  -8.307  -2.095  1.00 1.06 ? 19 GLU A CD   1 
ATOM 278 O OE1  . GLU A 1 19 ? -4.906  -8.070  -3.122  1.00 1.66 ? 19 GLU A OE1  1 
ATOM 279 O OE2  . GLU A 1 19 ? -6.369  -9.176  -1.992  1.00 1.68 ? 19 GLU A OE2  1 
ATOM 280 H H    . GLU A 1 19 ? -4.238  -9.567  0.256   1.00 0.57 ? 19 GLU A H    1 
ATOM 281 H HA   . GLU A 1 19 ? -1.949  -7.625  0.245   1.00 0.51 ? 19 GLU A HA   1 
ATOM 282 H HB2  . GLU A 1 19 ? -3.615  -6.022  -0.748  1.00 1.62 ? 19 GLU A HB2  1 
ATOM 283 H HB3  . GLU A 1 19 ? -3.272  -7.401  -1.791  1.00 1.26 ? 19 GLU A HB3  1 
ATOM 284 H HG2  . GLU A 1 19 ? -5.434  -8.026  0.033   1.00 1.20 ? 19 GLU A HG2  1 
ATOM 285 H HG3  . GLU A 1 19 ? -5.798  -6.561  -0.880  1.00 1.26 ? 19 GLU A HG3  1 
ATOM 286 N N    . VAL A 1 20 ? -3.582  -6.005  1.841   1.00 0.29 ? 20 VAL A N    1 
ATOM 287 C CA   . VAL A 1 20 ? -4.109  -5.458  3.126   1.00 0.40 ? 20 VAL A CA   1 
ATOM 288 C C    . VAL A 1 20 ? -5.324  -4.564  2.861   1.00 0.32 ? 20 VAL A C    1 
ATOM 289 O O    . VAL A 1 20 ? -5.969  -4.665  1.837   1.00 0.40 ? 20 VAL A O    1 
ATOM 290 C CB   . VAL A 1 20 ? -2.954  -4.647  3.725   1.00 0.64 ? 20 VAL A CB   1 
ATOM 291 C CG1  . VAL A 1 20 ? -1.707  -5.527  3.823   1.00 0.80 ? 20 VAL A CG1  1 
ATOM 292 C CG2  . VAL A 1 20 ? -2.651  -3.435  2.837   1.00 0.70 ? 20 VAL A CG2  1 
ATOM 293 H H    . VAL A 1 20 ? -3.255  -5.397  1.144   1.00 0.43 ? 20 VAL A H    1 
ATOM 294 H HA   . VAL A 1 20 ? -4.375  -6.263  3.792   1.00 0.54 ? 20 VAL A HA   1 
ATOM 295 H HB   . VAL A 1 20 ? -3.231  -4.309  4.714   1.00 0.78 ? 20 VAL A HB   1 
ATOM 296 H HG11 . VAL A 1 20 ? -2.002  -6.553  3.990   1.00 1.34 ? 20 VAL A HG11 1 
ATOM 297 H HG12 . VAL A 1 20 ? -1.146  -5.459  2.902   1.00 1.42 ? 20 VAL A HG12 1 
ATOM 298 H HG13 . VAL A 1 20 ? -1.093  -5.191  4.645   1.00 1.16 ? 20 VAL A HG13 1 
ATOM 299 H HG21 . VAL A 1 20 ? -3.033  -3.612  1.843   1.00 1.11 ? 20 VAL A HG21 1 
ATOM 300 H HG22 . VAL A 1 20 ? -3.123  -2.558  3.253   1.00 1.34 ? 20 VAL A HG22 1 
ATOM 301 H HG23 . VAL A 1 20 ? -1.584  -3.283  2.792   1.00 1.18 ? 20 VAL A HG23 1 
ATOM 302 N N    . SER A 1 21 ? -5.644  -3.692  3.778   1.00 0.40 ? 21 SER A N    1 
ATOM 303 C CA   . SER A 1 21 ? -6.819  -2.797  3.576   1.00 0.39 ? 21 SER A CA   1 
ATOM 304 C C    . SER A 1 21 ? -6.516  -1.390  4.094   1.00 0.42 ? 21 SER A C    1 
ATOM 305 O O    . SER A 1 21 ? -6.153  -1.203  5.239   1.00 0.67 ? 21 SER A O    1 
ATOM 306 C CB   . SER A 1 21 ? -7.944  -3.436  4.389   1.00 0.57 ? 21 SER A CB   1 
ATOM 307 O OG   . SER A 1 21 ? -7.399  -4.037  5.558   1.00 1.25 ? 21 SER A OG   1 
ATOM 308 H H    . SER A 1 21 ? -5.114  -3.626  4.600   1.00 0.56 ? 21 SER A H    1 
ATOM 309 H HA   . SER A 1 21 ? -7.093  -2.765  2.533   1.00 0.38 ? 21 SER A HA   1 
ATOM 310 H HB2  . SER A 1 21 ? -8.652  -2.680  4.680   1.00 1.28 ? 21 SER A HB2  1 
ATOM 311 H HB3  . SER A 1 21 ? -8.443  -4.183  3.788   1.00 1.21 ? 21 SER A HB3  1 
ATOM 312 H HG   . SER A 1 21 ? -7.501  -3.418  6.285   1.00 1.61 ? 21 SER A HG   1 
ATOM 313 N N    . PHE A 1 22 ? -6.667  -0.396  3.262   1.00 0.45 ? 22 PHE A N    1 
ATOM 314 C CA   . PHE A 1 22 ? -6.393  1.001   3.708   1.00 0.56 ? 22 PHE A CA   1 
ATOM 315 C C    . PHE A 1 22 ? -7.401  1.964   3.074   1.00 0.37 ? 22 PHE A C    1 
ATOM 316 O O    . PHE A 1 22 ? -7.898  1.734   1.990   1.00 0.54 ? 22 PHE A O    1 
ATOM 317 C CB   . PHE A 1 22 ? -4.970  1.311   3.229   1.00 0.91 ? 22 PHE A CB   1 
ATOM 318 C CG   . PHE A 1 22 ? -4.849  1.026   1.750   1.00 0.62 ? 22 PHE A CG   1 
ATOM 319 C CD1  . PHE A 1 22 ? -5.495  1.851   0.820   1.00 1.21 ? 22 PHE A CD1  1 
ATOM 320 C CD2  . PHE A 1 22 ? -4.087  -0.062  1.309   1.00 1.34 ? 22 PHE A CD2  1 
ATOM 321 C CE1  . PHE A 1 22 ? -5.378  1.586   -0.550  1.00 1.26 ? 22 PHE A CE1  1 
ATOM 322 C CE2  . PHE A 1 22 ? -3.970  -0.327  -0.062  1.00 1.23 ? 22 PHE A CE2  1 
ATOM 323 C CZ   . PHE A 1 22 ? -4.616  0.498   -0.991  1.00 0.46 ? 22 PHE A CZ   1 
ATOM 324 H H    . PHE A 1 22 ? -6.964  -0.568  2.344   1.00 0.58 ? 22 PHE A H    1 
ATOM 325 H HA   . PHE A 1 22 ? -6.439  1.066   4.784   1.00 0.74 ? 22 PHE A HA   1 
ATOM 326 H HB2  . PHE A 1 22 ? -4.751  2.353   3.413   1.00 1.26 ? 22 PHE A HB2  1 
ATOM 327 H HB3  . PHE A 1 22 ? -4.268  0.695   3.770   1.00 1.24 ? 22 PHE A HB3  1 
ATOM 328 H HD1  . PHE A 1 22 ? -6.083  2.690   1.160   1.00 2.06 ? 22 PHE A HD1  1 
ATOM 329 H HD2  . PHE A 1 22 ? -3.589  -0.698  2.025   1.00 2.25 ? 22 PHE A HD2  1 
ATOM 330 H HE1  . PHE A 1 22 ? -5.877  2.222   -1.267  1.00 2.16 ? 22 PHE A HE1  1 
ATOM 331 H HE2  . PHE A 1 22 ? -3.381  -1.166  -0.402  1.00 2.08 ? 22 PHE A HE2  1 
ATOM 332 H HZ   . PHE A 1 22 ? -4.525  0.294   -2.048  1.00 0.60 ? 22 PHE A HZ   1 
ATOM 333 N N    . LYS A 1 23 ? -7.710  3.040   3.746   1.00 0.39 ? 23 LYS A N    1 
ATOM 334 C CA   . LYS A 1 23 ? -8.689  4.015   3.187   1.00 0.38 ? 23 LYS A CA   1 
ATOM 335 C C    . LYS A 1 23 ? -7.956  5.154   2.473   1.00 0.36 ? 23 LYS A C    1 
ATOM 336 O O    . LYS A 1 23 ? -6.743  5.188   2.419   1.00 0.46 ? 23 LYS A O    1 
ATOM 337 C CB   . LYS A 1 23 ? -9.455  4.547   4.399   1.00 0.61 ? 23 LYS A CB   1 
ATOM 338 C CG   . LYS A 1 23 ? -10.854 3.928   4.439   1.00 1.47 ? 23 LYS A CG   1 
ATOM 339 C CD   . LYS A 1 23 ? -10.972 3.011   5.657   1.00 1.59 ? 23 LYS A CD   1 
ATOM 340 C CE   . LYS A 1 23 ? -11.875 3.667   6.705   1.00 2.36 ? 23 LYS A CE   1 
ATOM 341 N NZ   . LYS A 1 23 ? -11.866 2.729   7.862   1.00 2.76 ? 23 LYS A NZ   1 
ATOM 342 H H    . LYS A 1 23 ? -7.301  3.204   4.621   1.00 0.61 ? 23 LYS A H    1 
ATOM 343 H HA   . LYS A 1 23 ? -9.368  3.522   2.510   1.00 0.50 ? 23 LYS A HA   1 
ATOM 344 H HB2  . LYS A 1 23 ? -8.921  4.290   5.302   1.00 1.15 ? 23 LYS A HB2  1 
ATOM 345 H HB3  . LYS A 1 23 ? -9.541  5.622   4.326   1.00 1.27 ? 23 LYS A HB3  1 
ATOM 346 H HG2  . LYS A 1 23 ? -11.593 4.714   4.505   1.00 2.05 ? 23 LYS A HG2  1 
ATOM 347 H HG3  . LYS A 1 23 ? -11.019 3.353   3.541   1.00 2.17 ? 23 LYS A HG3  1 
ATOM 348 H HD2  . LYS A 1 23 ? -11.398 2.065   5.356   1.00 2.16 ? 23 LYS A HD2  1 
ATOM 349 H HD3  . LYS A 1 23 ? -9.994  2.848   6.082   1.00 1.47 ? 23 LYS A HD3  1 
ATOM 350 H HE2  . LYS A 1 23 ? -11.476 4.630   6.994   1.00 2.73 ? 23 LYS A HE2  1 
ATOM 351 H HE3  . LYS A 1 23 ? -12.879 3.773   6.324   1.00 2.86 ? 23 LYS A HE3  1 
ATOM 352 H HZ1  . LYS A 1 23 ? -12.111 1.773   7.535   1.00 2.87 ? 23 LYS A HZ1  1 
ATOM 353 H HZ2  . LYS A 1 23 ? -10.919 2.716   8.289   1.00 3.25 ? 23 LYS A HZ2  1 
ATOM 354 H HZ3  . LYS A 1 23 ? -12.562 3.044   8.569   1.00 3.06 ? 23 LYS A HZ3  1 
ATOM 355 N N    . ASP A 1 24 ? -8.685  6.089   1.926   1.00 0.38 ? 24 ASP A N    1 
ATOM 356 C CA   . ASP A 1 24 ? -8.032  7.227   1.217   1.00 0.43 ? 24 ASP A CA   1 
ATOM 357 C C    . ASP A 1 24 ? -7.403  8.188   2.229   1.00 0.44 ? 24 ASP A C    1 
ATOM 358 O O    . ASP A 1 24 ? -8.081  8.772   3.049   1.00 0.79 ? 24 ASP A O    1 
ATOM 359 C CB   . ASP A 1 24 ? -9.164  7.917   0.452   1.00 0.56 ? 24 ASP A CB   1 
ATOM 360 C CG   . ASP A 1 24 ? -8.607  9.117   -0.315  1.00 0.88 ? 24 ASP A CG   1 
ATOM 361 O OD1  . ASP A 1 24 ? -7.983  9.958   0.309   1.00 1.68 ? 24 ASP A OD1  1 
ATOM 362 O OD2  . ASP A 1 24 ? -8.816  9.174   -1.516  1.00 1.33 ? 24 ASP A OD2  1 
ATOM 363 H H    . ASP A 1 24 ? -9.662  6.042   1.982   1.00 0.46 ? 24 ASP A H    1 
ATOM 364 H HA   . ASP A 1 24 ? -7.288  6.864   0.526   1.00 0.48 ? 24 ASP A HA   1 
ATOM 365 H HB2  . ASP A 1 24 ? -9.606  7.216   -0.242  1.00 0.72 ? 24 ASP A HB2  1 
ATOM 366 H HB3  . ASP A 1 24 ? -9.915  8.254   1.150   1.00 0.74 ? 24 ASP A HB3  1 
ATOM 367 N N    . GLY A 1 25 ? -6.110  8.356   2.177   1.00 0.55 ? 25 GLY A N    1 
ATOM 368 C CA   . GLY A 1 25 ? -5.439  9.279   3.136   1.00 0.55 ? 25 GLY A CA   1 
ATOM 369 C C    . GLY A 1 25 ? -4.445  8.494   3.995   1.00 0.49 ? 25 GLY A C    1 
ATOM 370 O O    . GLY A 1 25 ? -3.519  9.049   4.551   1.00 0.62 ? 25 GLY A O    1 
ATOM 371 H H    . GLY A 1 25 ? -5.579  7.876   1.508   1.00 0.88 ? 25 GLY A H    1 
ATOM 372 H HA2  . GLY A 1 25 ? -4.914  10.049  2.588   1.00 0.59 ? 25 GLY A HA2  1 
ATOM 373 H HA3  . GLY A 1 25 ? -6.180  9.734   3.776   1.00 0.63 ? 25 GLY A HA3  1 
ATOM 374 N N    . ASP A 1 26 ? -4.630  7.206   4.109   1.00 0.47 ? 26 ASP A N    1 
ATOM 375 C CA   . ASP A 1 26 ? -3.693  6.388   4.934   1.00 0.47 ? 26 ASP A CA   1 
ATOM 376 C C    . ASP A 1 26 ? -2.246  6.641   4.501   1.00 0.41 ? 26 ASP A C    1 
ATOM 377 O O    . ASP A 1 26 ? -1.980  7.013   3.375   1.00 0.38 ? 26 ASP A O    1 
ATOM 378 C CB   . ASP A 1 26 ? -4.089  4.937   4.662   1.00 0.51 ? 26 ASP A CB   1 
ATOM 379 C CG   . ASP A 1 26 ? -3.127  3.999   5.392   1.00 0.91 ? 26 ASP A CG   1 
ATOM 380 O OD1  . ASP A 1 26 ? -1.956  3.998   5.048   1.00 1.42 ? 26 ASP A OD1  1 
ATOM 381 O OD2  . ASP A 1 26 ? -3.576  3.297   6.284   1.00 1.75 ? 26 ASP A OD2  1 
ATOM 382 H H    . ASP A 1 26 ? -5.383  6.776   3.654   1.00 0.57 ? 26 ASP A H    1 
ATOM 383 H HA   . ASP A 1 26 ? -3.818  6.614   5.981   1.00 0.55 ? 26 ASP A HA   1 
ATOM 384 H HB2  . ASP A 1 26 ? -5.096  4.768   5.014   1.00 0.83 ? 26 ASP A HB2  1 
ATOM 385 H HB3  . ASP A 1 26 ? -4.041  4.743   3.601   1.00 0.87 ? 26 ASP A HB3  1 
ATOM 386 N N    . ALA A 1 27 ? -1.309  6.440   5.387   1.00 0.53 ? 27 ALA A N    1 
ATOM 387 C CA   . ALA A 1 27 ? 0.119   6.669   5.027   1.00 0.57 ? 27 ALA A CA   1 
ATOM 388 C C    . ALA A 1 27 ? 0.851   5.330   4.889   1.00 0.51 ? 27 ALA A C    1 
ATOM 389 O O    . ALA A 1 27 ? 0.793   4.487   5.762   1.00 0.54 ? 27 ALA A O    1 
ATOM 390 C CB   . ALA A 1 27 ? 0.696   7.477   6.189   1.00 0.71 ? 27 ALA A CB   1 
ATOM 391 H H    . ALA A 1 27 ? -1.545  6.140   6.290   1.00 0.64 ? 27 ALA A H    1 
ATOM 392 H HA   . ALA A 1 27 ? 0.192   7.234   4.112   1.00 0.69 ? 27 ALA A HA   1 
ATOM 393 H HB1  . ALA A 1 27 ? 0.016   8.276   6.445   1.00 1.19 ? 27 ALA A HB1  1 
ATOM 394 H HB2  . ALA A 1 27 ? 0.832   6.833   7.044   1.00 1.07 ? 27 ALA A HB2  1 
ATOM 395 H HB3  . ALA A 1 27 ? 1.649   7.896   5.898   1.00 1.11 ? 27 ALA A HB3  1 
ATOM 396 N N    . ILE A 1 28 ? 1.539   5.130   3.799   1.00 0.55 ? 28 ILE A N    1 
ATOM 397 C CA   . ILE A 1 28 ? 2.273   3.846   3.606   1.00 0.63 ? 28 ILE A CA   1 
ATOM 398 C C    . ILE A 1 28 ? 3.623   4.107   2.931   1.00 0.66 ? 28 ILE A C    1 
ATOM 399 O O    . ILE A 1 28 ? 3.899   5.200   2.476   1.00 0.84 ? 28 ILE A O    1 
ATOM 400 C CB   . ILE A 1 28 ? 1.372   3.009   2.698   1.00 0.97 ? 28 ILE A CB   1 
ATOM 401 C CG1  . ILE A 1 28 ? -0.009  2.867   3.344   1.00 1.21 ? 28 ILE A CG1  1 
ATOM 402 C CG2  . ILE A 1 28 ? 1.987   1.621   2.505   1.00 1.08 ? 28 ILE A CG2  1 
ATOM 403 C CD1  . ILE A 1 28 ? -0.908  2.010   2.452   1.00 0.88 ? 28 ILE A CD1  1 
ATOM 404 H H    . ILE A 1 28 ? 1.573   5.822   3.107   1.00 0.61 ? 28 ILE A H    1 
ATOM 405 H HA   . ILE A 1 28 ? 2.414   3.346   4.550   1.00 0.68 ? 28 ILE A HA   1 
ATOM 406 H HB   . ILE A 1 28 ? 1.274   3.495   1.738   1.00 1.11 ? 28 ILE A HB   1 
ATOM 407 H HG12 . ILE A 1 28 ? 0.093   2.396   4.312   1.00 1.73 ? 28 ILE A HG12 1 
ATOM 408 H HG13 . ILE A 1 28 ? -0.452  3.843   3.465   1.00 1.73 ? 28 ILE A HG13 1 
ATOM 409 H HG21 . ILE A 1 28 ? 2.244   1.204   3.467   1.00 1.37 ? 28 ILE A HG21 1 
ATOM 410 H HG22 . ILE A 1 28 ? 1.275   0.977   2.011   1.00 1.54 ? 28 ILE A HG22 1 
ATOM 411 H HG23 . ILE A 1 28 ? 2.878   1.705   1.899   1.00 1.57 ? 28 ILE A HG23 1 
ATOM 412 H HD11 . ILE A 1 28 ? -0.315  1.561   1.668   1.00 1.46 ? 28 ILE A HD11 1 
ATOM 413 H HD12 . ILE A 1 28 ? -1.368  1.232   3.044   1.00 1.20 ? 28 ILE A HD12 1 
ATOM 414 H HD13 . ILE A 1 28 ? -1.675  2.629   2.012   1.00 1.31 ? 28 ILE A HD13 1 
ATOM 415 N N    . ILE A 1 29 ? 4.467   3.114   2.862   1.00 0.86 ? 29 ILE A N    1 
ATOM 416 C CA   . ILE A 1 29 ? 5.797   3.311   2.216   1.00 1.08 ? 29 ILE A CA   1 
ATOM 417 C C    . ILE A 1 29 ? 6.099   2.155   1.257   1.00 1.32 ? 29 ILE A C    1 
ATOM 418 O O    . ILE A 1 29 ? 5.556   1.075   1.380   1.00 1.67 ? 29 ILE A O    1 
ATOM 419 C CB   . ILE A 1 29 ? 6.803   3.339   3.369   1.00 1.19 ? 29 ILE A CB   1 
ATOM 420 C CG1  . ILE A 1 29 ? 6.814   1.986   4.088   1.00 1.57 ? 29 ILE A CG1  1 
ATOM 421 C CG2  . ILE A 1 29 ? 6.407   4.434   4.360   1.00 1.96 ? 29 ILE A CG2  1 
ATOM 422 C CD1  . ILE A 1 29 ? 8.261   1.548   4.319   1.00 2.22 ? 29 ILE A CD1  1 
ATOM 423 H H    . ILE A 1 29 ? 4.225   2.241   3.234   1.00 1.05 ? 29 ILE A H    1 
ATOM 424 H HA   . ILE A 1 29 ? 5.819   4.250   1.687   1.00 1.29 ? 29 ILE A HA   1 
ATOM 425 H HB   . ILE A 1 29 ? 7.788   3.549   2.978   1.00 1.68 ? 29 ILE A HB   1 
ATOM 426 H HG12 . ILE A 1 29 ? 6.310   2.080   5.038   1.00 2.03 ? 29 ILE A HG12 1 
ATOM 427 H HG13 . ILE A 1 29 ? 6.311   1.247   3.484   1.00 1.99 ? 29 ILE A HG13 1 
ATOM 428 H HG21 . ILE A 1 29 ? 6.188   5.345   3.823   1.00 2.28 ? 29 ILE A HG21 1 
ATOM 429 H HG22 . ILE A 1 29 ? 5.532   4.122   4.912   1.00 2.30 ? 29 ILE A HG22 1 
ATOM 430 H HG23 . ILE A 1 29 ? 7.222   4.609   5.047   1.00 2.59 ? 29 ILE A HG23 1 
ATOM 431 H HD11 . ILE A 1 29 ? 8.781   1.506   3.374   1.00 2.64 ? 29 ILE A HD11 1 
ATOM 432 H HD12 . ILE A 1 29 ? 8.753   2.258   4.969   1.00 2.74 ? 29 ILE A HD12 1 
ATOM 433 H HD13 . ILE A 1 29 ? 8.273   0.572   4.780   1.00 2.53 ? 29 ILE A HD13 1 
ATOM 434 N N    . ASN A 1 30 ? 6.962   2.376   0.302   1.00 1.56 ? 30 ASN A N    1 
ATOM 435 C CA   . ASN A 1 30 ? 7.299   1.291   -0.664  1.00 1.93 ? 30 ASN A CA   1 
ATOM 436 C C    . ASN A 1 30 ? 8.415   0.409   -0.101  1.00 1.29 ? 30 ASN A C    1 
ATOM 437 O O    . ASN A 1 30 ? 9.549   0.473   -0.534  1.00 1.56 ? 30 ASN A O    1 
ATOM 438 C CB   . ASN A 1 30 ? 7.772   2.016   -1.923  1.00 2.78 ? 30 ASN A CB   1 
ATOM 439 C CG   . ASN A 1 30 ? 7.892   1.017   -3.076  1.00 3.69 ? 30 ASN A CG   1 
ATOM 440 O OD1  . ASN A 1 30 ? 7.602   -0.152  -2.913  1.00 4.12 ? 30 ASN A OD1  1 
ATOM 441 N ND2  . ASN A 1 30 ? 8.309   1.429   -4.241  1.00 4.43 ? 30 ASN A ND2  1 
ATOM 442 H H    . ASN A 1 30 ? 7.388   3.253   0.221   1.00 1.72 ? 30 ASN A H    1 
ATOM 443 H HA   . ASN A 1 30 ? 6.426   0.698   -0.886  1.00 2.40 ? 30 ASN A HA   1 
ATOM 444 H HB2  . ASN A 1 30 ? 7.059   2.785   -2.185  1.00 3.13 ? 30 ASN A HB2  1 
ATOM 445 H HB3  . ASN A 1 30 ? 8.736   2.467   -1.739  1.00 2.91 ? 30 ASN A HB3  1 
ATOM 446 H HD21 . ASN A 1 30 ? 8.543   2.371   -4.372  1.00 4.47 ? 30 ASN A HD21 1 
ATOM 447 H HD22 . ASN A 1 30 ? 8.389   0.796   -4.985  1.00 5.14 ? 30 ASN A HD22 1 
ATOM 448 N N    . VAL A 1 31 ? 8.105   -0.415  0.862   1.00 1.07 ? 31 VAL A N    1 
ATOM 449 C CA   . VAL A 1 31 ? 9.150   -1.300  1.452   1.00 1.12 ? 31 VAL A CA   1 
ATOM 450 C C    . VAL A 1 31 ? 9.854   -2.096  0.347   1.00 1.33 ? 31 VAL A C    1 
ATOM 451 O O    . VAL A 1 31 ? 11.042  -2.344  0.410   1.00 1.84 ? 31 VAL A O    1 
ATOM 452 C CB   . VAL A 1 31 ? 8.391   -2.241  2.389   1.00 1.69 ? 31 VAL A CB   1 
ATOM 453 C CG1  . VAL A 1 31 ? 9.369   -3.235  3.015   1.00 2.87 ? 31 VAL A CG1  1 
ATOM 454 C CG2  . VAL A 1 31 ? 7.720   -1.423  3.494   1.00 1.70 ? 31 VAL A CG2  1 
ATOM 455 H H    . VAL A 1 31 ? 7.185   -0.452  1.196   1.00 1.46 ? 31 VAL A H    1 
ATOM 456 H HA   . VAL A 1 31 ? 9.865   -0.720  2.012   1.00 1.19 ? 31 VAL A HA   1 
ATOM 457 H HB   . VAL A 1 31 ? 7.641   -2.778  1.828   1.00 2.06 ? 31 VAL A HB   1 
ATOM 458 H HG11 . VAL A 1 31 ? 10.344  -3.112  2.569   1.00 3.31 ? 31 VAL A HG11 1 
ATOM 459 H HG12 . VAL A 1 31 ? 9.435   -3.055  4.078   1.00 3.30 ? 31 VAL A HG12 1 
ATOM 460 H HG13 . VAL A 1 31 ? 9.018   -4.242  2.842   1.00 3.36 ? 31 VAL A HG13 1 
ATOM 461 H HG21 . VAL A 1 31 ? 7.482   -0.438  3.121   1.00 2.21 ? 31 VAL A HG21 1 
ATOM 462 H HG22 . VAL A 1 31 ? 6.812   -1.918  3.807   1.00 1.76 ? 31 VAL A HG22 1 
ATOM 463 H HG23 . VAL A 1 31 ? 8.391   -1.336  4.336   1.00 2.24 ? 31 VAL A HG23 1 
ATOM 464 N N    . GLN A 1 32 ? 9.130   -2.498  -0.661  1.00 1.13 ? 32 GLN A N    1 
ATOM 465 C CA   . GLN A 1 32 ? 9.759   -3.275  -1.768  1.00 1.53 ? 32 GLN A CA   1 
ATOM 466 C C    . GLN A 1 32 ? 8.790   -3.396  -2.947  1.00 1.27 ? 32 GLN A C    1 
ATOM 467 O O    . GLN A 1 32 ? 7.714   -2.831  -2.939  1.00 1.61 ? 32 GLN A O    1 
ATOM 468 C CB   . GLN A 1 32 ? 10.048  -4.653  -1.169  1.00 1.97 ? 32 GLN A CB   1 
ATOM 469 C CG   . GLN A 1 32 ? 11.510  -4.722  -0.724  1.00 2.37 ? 32 GLN A CG   1 
ATOM 470 C CD   . GLN A 1 32 ? 12.123  -6.044  -1.188  1.00 2.72 ? 32 GLN A CD   1 
ATOM 471 O OE1  . GLN A 1 32 ? 11.416  -6.942  -1.600  1.00 2.95 ? 32 GLN A OE1  1 
ATOM 472 N NE2  . GLN A 1 32 ? 13.417  -6.203  -1.136  1.00 3.32 ? 32 GLN A NE2  1 
ATOM 473 H H    . GLN A 1 32 ? 8.173   -2.287  -0.693  1.00 0.89 ? 32 GLN A H    1 
ATOM 474 H HA   . GLN A 1 32 ? 10.679  -2.810  -2.081  1.00 1.97 ? 32 GLN A HA   1 
ATOM 475 H HB2  . GLN A 1 32 ? 9.403   -4.816  -0.317  1.00 2.29 ? 32 GLN A HB2  1 
ATOM 476 H HB3  . GLN A 1 32 ? 9.863   -5.415  -1.912  1.00 2.23 ? 32 GLN A HB3  1 
ATOM 477 H HG2  . GLN A 1 32 ? 12.057  -3.897  -1.161  1.00 2.48 ? 32 GLN A HG2  1 
ATOM 478 H HG3  . GLN A 1 32 ? 11.562  -4.659  0.352   1.00 2.85 ? 32 GLN A HG3  1 
ATOM 479 H HE21 . GLN A 1 32 ? 13.987  -5.479  -0.803  1.00 3.66 ? 32 GLN A HE21 1 
ATOM 480 H HE22 . GLN A 1 32 ? 13.819  -7.047  -1.431  1.00 3.68 ? 32 GLN A HE22 1 
ATOM 481 N N    . ALA A 1 33 ? 9.161   -4.128  -3.962  1.00 1.42 ? 33 ALA A N    1 
ATOM 482 C CA   . ALA A 1 33 ? 8.259   -4.283  -5.139  1.00 1.36 ? 33 ALA A CA   1 
ATOM 483 C C    . ALA A 1 33 ? 8.780   -5.389  -6.063  1.00 1.55 ? 33 ALA A C    1 
ATOM 484 O O    . ALA A 1 33 ? 9.971   -5.584  -6.203  1.00 1.84 ? 33 ALA A O    1 
ATOM 485 C CB   . ALA A 1 33 ? 8.298   -2.929  -5.849  1.00 1.76 ? 33 ALA A CB   1 
ATOM 486 H H    . ALA A 1 33 ? 10.033  -4.576  -3.950  1.00 1.94 ? 33 ALA A H    1 
ATOM 487 H HA   . ALA A 1 33 ? 7.253   -4.503  -4.818  1.00 1.19 ? 33 ALA A HA   1 
ATOM 488 H HB1  . ALA A 1 33 ? 9.323   -2.605  -5.950  1.00 1.99 ? 33 ALA A HB1  1 
ATOM 489 H HB2  . ALA A 1 33 ? 7.850   -3.022  -6.827  1.00 2.22 ? 33 ALA A HB2  1 
ATOM 490 H HB3  . ALA A 1 33 ? 7.747   -2.204  -5.269  1.00 2.16 ? 33 ALA A HB3  1 
ATOM 491 N N    . ILE A 1 34 ? 7.896   -6.113  -6.693  1.00 1.59 ? 34 ILE A N    1 
ATOM 492 C CA   . ILE A 1 34 ? 8.342   -7.205  -7.607  1.00 1.97 ? 34 ILE A CA   1 
ATOM 493 C C    . ILE A 1 34 ? 8.708   -6.630  -8.978  1.00 1.97 ? 34 ILE A C    1 
ATOM 494 O O    . ILE A 1 34 ? 9.865   -6.538  -9.333  1.00 2.24 ? 34 ILE A O    1 
ATOM 495 C CB   . ILE A 1 34 ? 7.138   -8.142  -7.719  1.00 2.25 ? 34 ILE A CB   1 
ATOM 496 C CG1  . ILE A 1 34 ? 6.841   -8.754  -6.348  1.00 2.67 ? 34 ILE A CG1  1 
ATOM 497 C CG2  . ILE A 1 34 ? 7.450   -9.258  -8.717  1.00 2.82 ? 34 ILE A CG2  1 
ATOM 498 C CD1  . ILE A 1 34 ? 5.389   -8.466  -5.964  1.00 3.53 ? 34 ILE A CD1  1 
ATOM 499 H H    . ILE A 1 34 ? 6.940   -5.940  -6.567  1.00 1.49 ? 34 ILE A H    1 
ATOM 500 H HA   . ILE A 1 34 ? 9.180   -7.733  -7.182  1.00 2.39 ? 34 ILE A HA   1 
ATOM 501 H HB   . ILE A 1 34 ? 6.278   -7.584  -8.059  1.00 2.26 ? 34 ILE A HB   1 
ATOM 502 H HG12 . ILE A 1 34 ? 6.998   -9.822  -6.389  1.00 3.04 ? 34 ILE A HG12 1 
ATOM 503 H HG13 . ILE A 1 34 ? 7.499   -8.321  -5.610  1.00 2.68 ? 34 ILE A HG13 1 
ATOM 504 H HG21 . ILE A 1 34 ? 8.398   -9.058  -9.196  1.00 2.96 ? 34 ILE A HG21 1 
ATOM 505 H HG22 . ILE A 1 34 ? 7.502   -10.203 -8.197  1.00 3.09 ? 34 ILE A HG22 1 
ATOM 506 H HG23 . ILE A 1 34 ? 6.671   -9.302  -9.464  1.00 3.30 ? 34 ILE A HG23 1 
ATOM 507 H HD11 . ILE A 1 34 ? 4.755   -8.594  -6.829  1.00 3.96 ? 34 ILE A HD11 1 
ATOM 508 H HD12 . ILE A 1 34 ? 5.079   -9.149  -5.187  1.00 3.77 ? 34 ILE A HD12 1 
ATOM 509 H HD13 . ILE A 1 34 ? 5.306   -7.451  -5.605  1.00 4.02 ? 34 ILE A HD13 1 
ATOM 510 N N    . ASP A 1 35 ? 7.729   -6.243  -9.750  1.00 2.11 ? 35 ASP A N    1 
ATOM 511 C CA   . ASP A 1 35 ? 8.022   -5.674  -11.098 1.00 2.56 ? 35 ASP A CA   1 
ATOM 512 C C    . ASP A 1 35 ? 6.730   -5.180  -11.754 1.00 2.22 ? 35 ASP A C    1 
ATOM 513 O O    . ASP A 1 35 ? 6.525   -3.995  -11.928 1.00 2.61 ? 35 ASP A O    1 
ATOM 514 C CB   . ASP A 1 35 ? 8.621   -6.833  -11.896 1.00 3.32 ? 35 ASP A CB   1 
ATOM 515 C CG   . ASP A 1 35 ? 9.011   -6.344  -13.292 1.00 4.15 ? 35 ASP A CG   1 
ATOM 516 O OD1  . ASP A 1 35 ? 8.159   -5.780  -13.960 1.00 4.58 ? 35 ASP A OD1  1 
ATOM 517 O OD2  . ASP A 1 35 ? 10.155  -6.539  -13.669 1.00 4.68 ? 35 ASP A OD2  1 
ATOM 518 H H    . ASP A 1 35 ? 6.802   -6.324  -9.444  1.00 2.21 ? 35 ASP A H    1 
ATOM 519 H HA   . ASP A 1 35 ? 8.738   -4.871  -11.020 1.00 2.98 ? 35 ASP A HA   1 
ATOM 520 H HB2  . ASP A 1 35 ? 9.498   -7.205  -11.386 1.00 3.58 ? 35 ASP A HB2  1 
ATOM 521 H HB3  . ASP A 1 35 ? 7.893   -7.624  -11.985 1.00 3.33 ? 35 ASP A HB3  1 
ATOM 522 N N    . GLU A 1 36 ? 5.856   -6.079  -12.117 1.00 2.22 ? 36 GLU A N    1 
ATOM 523 C CA   . GLU A 1 36 ? 4.579   -5.659  -12.760 1.00 2.36 ? 36 GLU A CA   1 
ATOM 524 C C    . GLU A 1 36 ? 3.405   -6.439  -12.159 1.00 1.81 ? 36 GLU A C    1 
ATOM 525 O O    . GLU A 1 36 ? 3.053   -7.506  -12.624 1.00 2.36 ? 36 GLU A O    1 
ATOM 526 C CB   . GLU A 1 36 ? 4.749   -6.001  -14.241 1.00 3.04 ? 36 GLU A CB   1 
ATOM 527 C CG   . GLU A 1 36 ? 4.422   -4.772  -15.092 1.00 4.02 ? 36 GLU A CG   1 
ATOM 528 C CD   . GLU A 1 36 ? 3.244   -5.088  -16.016 1.00 4.98 ? 36 GLU A CD   1 
ATOM 529 O OE1  . GLU A 1 36 ? 2.116   -4.909  -15.586 1.00 5.59 ? 36 GLU A OE1  1 
ATOM 530 O OE2  . GLU A 1 36 ? 3.489   -5.501  -17.136 1.00 5.40 ? 36 GLU A OE2  1 
ATOM 531 H H    . GLU A 1 36 ? 6.039   -7.029  -11.965 1.00 2.60 ? 36 GLU A H    1 
ATOM 532 H HA   . GLU A 1 36 ? 4.427   -4.599  -12.641 1.00 2.97 ? 36 GLU A HA   1 
ATOM 533 H HB2  . GLU A 1 36 ? 5.769   -6.306  -14.423 1.00 3.28 ? 36 GLU A HB2  1 
ATOM 534 H HB3  . GLU A 1 36 ? 4.079   -6.806  -14.504 1.00 3.20 ? 36 GLU A HB3  1 
ATOM 535 H HG2  . GLU A 1 36 ? 4.164   -3.944  -14.447 1.00 4.32 ? 36 GLU A HG2  1 
ATOM 536 H HG3  . GLU A 1 36 ? 5.283   -4.508  -15.688 1.00 4.20 ? 36 GLU A HG3  1 
ATOM 537 N N    . GLY A 1 37 ? 2.799   -5.915  -11.129 1.00 1.50 ? 37 GLY A N    1 
ATOM 538 C CA   . GLY A 1 37 ? 1.652   -6.627  -10.498 1.00 1.59 ? 37 GLY A CA   1 
ATOM 539 C C    . GLY A 1 37 ? 1.538   -6.211  -9.031  1.00 1.38 ? 37 GLY A C    1 
ATOM 540 O O    . GLY A 1 37 ? 2.132   -6.811  -8.158  1.00 2.20 ? 37 GLY A O    1 
ATOM 541 H H    . GLY A 1 37 ? 3.100   -5.055  -10.769 1.00 1.92 ? 37 GLY A H    1 
ATOM 542 H HA2  . GLY A 1 37 ? 0.739   -6.370  -11.019 1.00 2.17 ? 37 GLY A HA2  1 
ATOM 543 H HA3  . GLY A 1 37 ? 1.812   -7.692  -10.556 1.00 1.78 ? 37 GLY A HA3  1 
ATOM 544 N N    . TRP A 1 38 ? 0.778   -5.185  -8.753  1.00 0.88 ? 38 TRP A N    1 
ATOM 545 C CA   . TRP A 1 38 ? 0.626   -4.729  -7.342  1.00 0.61 ? 38 TRP A CA   1 
ATOM 546 C C    . TRP A 1 38 ? 1.999   -4.489  -6.709  1.00 0.52 ? 38 TRP A C    1 
ATOM 547 O O    . TRP A 1 38 ? 3.024   -4.716  -7.321  1.00 0.67 ? 38 TRP A O    1 
ATOM 548 C CB   . TRP A 1 38 ? -0.100  -5.872  -6.630  1.00 0.70 ? 38 TRP A CB   1 
ATOM 549 C CG   . TRP A 1 38 ? -1.558  -5.818  -6.956  1.00 0.74 ? 38 TRP A CG   1 
ATOM 550 C CD1  . TRP A 1 38 ? -2.077  -5.860  -8.205  1.00 0.96 ? 38 TRP A CD1  1 
ATOM 551 C CD2  . TRP A 1 38 ? -2.690  -5.717  -6.045  1.00 0.65 ? 38 TRP A CD2  1 
ATOM 552 N NE1  . TRP A 1 38 ? -3.456  -5.789  -8.118  1.00 1.01 ? 38 TRP A NE1  1 
ATOM 553 C CE2  . TRP A 1 38 ? -3.882  -5.700  -6.808  1.00 0.83 ? 38 TRP A CE2  1 
ATOM 554 C CE3  . TRP A 1 38 ? -2.798  -5.638  -4.644  1.00 0.52 ? 38 TRP A CE3  1 
ATOM 555 C CZ2  . TRP A 1 38 ? -5.137  -5.608  -6.203  1.00 0.84 ? 38 TRP A CZ2  1 
ATOM 556 C CZ3  . TRP A 1 38 ? -4.059  -5.544  -4.033  1.00 0.56 ? 38 TRP A CZ3  1 
ATOM 557 C CH2  . TRP A 1 38 ? -5.226  -5.531  -4.810  1.00 0.70 ? 38 TRP A CH2  1 
ATOM 558 H H    . TRP A 1 38 ? 0.308   -4.715  -9.473  1.00 1.40 ? 38 TRP A H    1 
ATOM 559 H HA   . TRP A 1 38 ? 0.029   -3.832  -7.299  1.00 0.63 ? 38 TRP A HA   1 
ATOM 560 H HB2  . TRP A 1 38 ? 0.307   -6.817  -6.959  1.00 0.89 ? 38 TRP A HB2  1 
ATOM 561 H HB3  . TRP A 1 38 ? 0.034   -5.775  -5.563  1.00 0.69 ? 38 TRP A HB3  1 
ATOM 562 H HD1  . TRP A 1 38 ? -1.508  -5.936  -9.119  1.00 1.10 ? 38 TRP A HD1  1 
ATOM 563 H HE1  . TRP A 1 38 ? -4.071  -5.800  -8.880  1.00 1.18 ? 38 TRP A HE1  1 
ATOM 564 H HE3  . TRP A 1 38 ? -1.906  -5.647  -4.036  1.00 0.49 ? 38 TRP A HE3  1 
ATOM 565 H HZ2  . TRP A 1 38 ? -6.032  -5.597  -6.806  1.00 1.01 ? 38 TRP A HZ2  1 
ATOM 566 H HZ3  . TRP A 1 38 ? -4.131  -5.484  -2.956  1.00 0.57 ? 38 TRP A HZ3  1 
ATOM 567 H HH2  . TRP A 1 38 ? -6.193  -5.458  -4.334  1.00 0.76 ? 38 TRP A HH2  1 
ATOM 568 N N    . MET A 1 39 ? 2.028   -4.034  -5.486  1.00 0.46 ? 39 MET A N    1 
ATOM 569 C CA   . MET A 1 39 ? 3.334   -3.781  -4.813  1.00 0.54 ? 39 MET A CA   1 
ATOM 570 C C    . MET A 1 39 ? 3.306   -4.344  -3.389  1.00 0.46 ? 39 MET A C    1 
ATOM 571 O O    . MET A 1 39 ? 2.525   -5.220  -3.075  1.00 0.57 ? 39 MET A O    1 
ATOM 572 C CB   . MET A 1 39 ? 3.482   -2.258  -4.793  1.00 0.75 ? 39 MET A CB   1 
ATOM 573 C CG   . MET A 1 39 ? 2.310   -1.639  -4.031  1.00 0.85 ? 39 MET A CG   1 
ATOM 574 S SD   . MET A 1 39 ? 2.873   -0.154  -3.161  1.00 1.44 ? 39 MET A SD   1 
ATOM 575 C CE   . MET A 1 39 ? 3.222   0.850   -4.626  1.00 1.74 ? 39 MET A CE   1 
ATOM 576 H H    . MET A 1 39 ? 1.189   -3.859  -5.010  1.00 0.53 ? 39 MET A H    1 
ATOM 577 H HA   . MET A 1 39 ? 4.140   -4.224  -5.377  1.00 0.67 ? 39 MET A HA   1 
ATOM 578 H HB2  . MET A 1 39 ? 4.410   -1.993  -4.307  1.00 1.17 ? 39 MET A HB2  1 
ATOM 579 H HB3  . MET A 1 39 ? 3.487   -1.885  -5.807  1.00 1.06 ? 39 MET A HB3  1 
ATOM 580 H HG2  . MET A 1 39 ? 1.529   -1.372  -4.727  1.00 1.10 ? 39 MET A HG2  1 
ATOM 581 H HG3  . MET A 1 39 ? 1.928   -2.351  -3.317  1.00 1.45 ? 39 MET A HG3  1 
ATOM 582 H HE1  . MET A 1 39 ? 3.920   0.324   -5.264  1.00 2.05 ? 39 MET A HE1  1 
ATOM 583 H HE2  . MET A 1 39 ? 2.308   1.029   -5.168  1.00 2.19 ? 39 MET A HE2  1 
ATOM 584 H HE3  . MET A 1 39 ? 3.649   1.795   -4.320  1.00 2.25 ? 39 MET A HE3  1 
ATOM 585 N N    . TYR A 1 40 ? 4.149   -3.851  -2.523  1.00 0.45 ? 40 TYR A N    1 
ATOM 586 C CA   . TYR A 1 40 ? 4.162   -4.365  -1.123  1.00 0.40 ? 40 TYR A CA   1 
ATOM 587 C C    . TYR A 1 40 ? 4.456   -3.226  -0.142  1.00 0.45 ? 40 TYR A C    1 
ATOM 588 O O    . TYR A 1 40 ? 5.462   -2.554  -0.240  1.00 0.61 ? 40 TYR A O    1 
ATOM 589 C CB   . TYR A 1 40 ? 5.286   -5.403  -1.093  1.00 0.46 ? 40 TYR A CB   1 
ATOM 590 C CG   . TYR A 1 40 ? 5.204   -6.198  0.187   1.00 0.74 ? 40 TYR A CG   1 
ATOM 591 C CD1  . TYR A 1 40 ? 4.147   -7.095  0.387   1.00 1.20 ? 40 TYR A CD1  1 
ATOM 592 C CD2  . TYR A 1 40 ? 6.183   -6.039  1.175   1.00 1.23 ? 40 TYR A CD2  1 
ATOM 593 C CE1  . TYR A 1 40 ? 4.072   -7.834  1.574   1.00 1.65 ? 40 TYR A CE1  1 
ATOM 594 C CE2  . TYR A 1 40 ? 6.108   -6.778  2.361   1.00 1.67 ? 40 TYR A CE2  1 
ATOM 595 C CZ   . TYR A 1 40 ? 5.051   -7.675  2.562   1.00 1.76 ? 40 TYR A CZ   1 
ATOM 596 O OH   . TYR A 1 40 ? 4.977   -8.402  3.732   1.00 2.30 ? 40 TYR A OH   1 
ATOM 597 H H    . TYR A 1 40 ? 4.773   -3.145  -2.792  1.00 0.59 ? 40 TYR A H    1 
ATOM 598 H HA   . TYR A 1 40 ? 3.220   -4.834  -0.884  1.00 0.39 ? 40 TYR A HA   1 
ATOM 599 H HB2  . TYR A 1 40 ? 5.183   -6.068  -1.938  1.00 0.73 ? 40 TYR A HB2  1 
ATOM 600 H HB3  . TYR A 1 40 ? 6.240   -4.901  -1.143  1.00 0.67 ? 40 TYR A HB3  1 
ATOM 601 H HD1  . TYR A 1 40 ? 3.393   -7.219  -0.374  1.00 1.49 ? 40 TYR A HD1  1 
ATOM 602 H HD2  . TYR A 1 40 ? 6.998   -5.348  1.020   1.00 1.53 ? 40 TYR A HD2  1 
ATOM 603 H HE1  . TYR A 1 40 ? 3.256   -8.526  1.729   1.00 2.11 ? 40 TYR A HE1  1 
ATOM 604 H HE2  . TYR A 1 40 ? 6.863   -6.655  3.123   1.00 2.15 ? 40 TYR A HE2  1 
ATOM 605 H HH   . TYR A 1 40 ? 5.693   -9.041  3.730   1.00 2.49 ? 40 TYR A HH   1 
ATOM 606 N N    . GLY A 1 41 ? 3.584   -3.008  0.804   1.00 0.45 ? 41 GLY A N    1 
ATOM 607 C CA   . GLY A 1 41 ? 3.811   -1.915  1.792   1.00 0.58 ? 41 GLY A CA   1 
ATOM 608 C C    . GLY A 1 41 ? 3.189   -2.305  3.134   1.00 0.47 ? 41 GLY A C    1 
ATOM 609 O O    . GLY A 1 41 ? 2.504   -3.302  3.244   1.00 0.47 ? 41 GLY A O    1 
ATOM 610 H H    . GLY A 1 41 ? 2.779   -3.563  0.865   1.00 0.49 ? 41 GLY A H    1 
ATOM 611 H HA2  . GLY A 1 41 ? 4.873   -1.758  1.916   1.00 0.71 ? 41 GLY A HA2  1 
ATOM 612 H HA3  . GLY A 1 41 ? 3.351   -1.006  1.436   1.00 0.68 ? 41 GLY A HA3  1 
ATOM 613 N N    . THR A 1 42 ? 3.424   -1.529  4.157   1.00 0.47 ? 42 THR A N    1 
ATOM 614 C CA   . THR A 1 42 ? 2.844   -1.860  5.490   1.00 0.43 ? 42 THR A CA   1 
ATOM 615 C C    . THR A 1 42 ? 1.945   -0.720  5.977   1.00 0.38 ? 42 THR A C    1 
ATOM 616 O O    . THR A 1 42 ? 2.416   0.308   6.421   1.00 0.47 ? 42 THR A O    1 
ATOM 617 C CB   . THR A 1 42 ? 4.049   -2.025  6.419   1.00 0.52 ? 42 THR A CB   1 
ATOM 618 O OG1  . THR A 1 42 ? 4.848   -3.109  5.965   1.00 0.62 ? 42 THR A OG1  1 
ATOM 619 C CG2  . THR A 1 42 ? 3.564   -2.306  7.842   1.00 0.55 ? 42 THR A CG2  1 
ATOM 620 H H    . THR A 1 42 ? 3.980   -0.729  4.049   1.00 0.55 ? 42 THR A H    1 
ATOM 621 H HA   . THR A 1 42 ? 2.288   -2.783  5.441   1.00 0.44 ? 42 THR A HA   1 
ATOM 622 H HB   . THR A 1 42 ? 4.634   -1.119  6.415   1.00 0.52 ? 42 THR A HB   1 
ATOM 623 H HG1  . THR A 1 42 ? 5.706   -3.042  6.390   1.00 1.05 ? 42 THR A HG1  1 
ATOM 624 H HG21 . THR A 1 42 ? 2.511   -2.548  7.823   1.00 1.22 ? 42 THR A HG21 1 
ATOM 625 H HG22 . THR A 1 42 ? 4.116   -3.138  8.253   1.00 1.02 ? 42 THR A HG22 1 
ATOM 626 H HG23 . THR A 1 42 ? 3.721   -1.431  8.455   1.00 1.16 ? 42 THR A HG23 1 
ATOM 627 N N    . VAL A 1 43 ? 0.654   -0.898  5.902   1.00 0.37 ? 43 VAL A N    1 
ATOM 628 C CA   . VAL A 1 43 ? -0.278  0.172   6.366   1.00 0.37 ? 43 VAL A CA   1 
ATOM 629 C C    . VAL A 1 43 ? 0.081   0.609   7.789   1.00 0.40 ? 43 VAL A C    1 
ATOM 630 O O    . VAL A 1 43 ? 0.071   -0.180  8.713   1.00 0.49 ? 43 VAL A O    1 
ATOM 631 C CB   . VAL A 1 43 ? -1.676  -0.456  6.333   1.00 0.43 ? 43 VAL A CB   1 
ATOM 632 C CG1  . VAL A 1 43 ? -2.138  -0.603  4.882   1.00 0.46 ? 43 VAL A CG1  1 
ATOM 633 C CG2  . VAL A 1 43 ? -1.653  -1.835  6.999   1.00 0.89 ? 43 VAL A CG2  1 
ATOM 634 H H    . VAL A 1 43 ? 0.294   -1.735  5.545   1.00 0.44 ? 43 VAL A H    1 
ATOM 635 H HA   . VAL A 1 43 ? -0.240  1.016   5.696   1.00 0.39 ? 43 VAL A HA   1 
ATOM 636 H HB   . VAL A 1 43 ? -2.363  0.182   6.865   1.00 0.58 ? 43 VAL A HB   1 
ATOM 637 H HG11 . VAL A 1 43 ? -1.346  -1.044  4.295   1.00 0.83 ? 43 VAL A HG11 1 
ATOM 638 H HG12 . VAL A 1 43 ? -3.010  -1.237  4.845   1.00 0.85 ? 43 VAL A HG12 1 
ATOM 639 H HG13 . VAL A 1 43 ? -2.383  0.370   4.483   1.00 0.85 ? 43 VAL A HG13 1 
ATOM 640 H HG21 . VAL A 1 43 ? -0.667  -2.028  7.392   1.00 1.49 ? 43 VAL A HG21 1 
ATOM 641 H HG22 . VAL A 1 43 ? -2.373  -1.857  7.804   1.00 1.29 ? 43 VAL A HG22 1 
ATOM 642 H HG23 . VAL A 1 43 ? -1.905  -2.591  6.270   1.00 1.53 ? 43 VAL A HG23 1 
ATOM 643 N N    . GLN A 1 44 ? 0.397   1.862   7.970   1.00 0.45 ? 44 GLN A N    1 
ATOM 644 C CA   . GLN A 1 44 ? 0.757   2.352   9.333   1.00 0.53 ? 44 GLN A CA   1 
ATOM 645 C C    . GLN A 1 44 ? -0.504  2.589   10.176  1.00 0.59 ? 44 GLN A C    1 
ATOM 646 O O    . GLN A 1 44 ? -0.424  2.980   11.323  1.00 0.70 ? 44 GLN A O    1 
ATOM 647 C CB   . GLN A 1 44 ? 1.497   3.669   9.097   1.00 0.61 ? 44 GLN A CB   1 
ATOM 648 C CG   . GLN A 1 44 ? 2.804   3.395   8.351   1.00 1.19 ? 44 GLN A CG   1 
ATOM 649 C CD   . GLN A 1 44 ? 3.689   2.474   9.192   1.00 1.85 ? 44 GLN A CD   1 
ATOM 650 O OE1  . GLN A 1 44 ? 4.101   1.426   8.737   1.00 2.40 ? 44 GLN A OE1  1 
ATOM 651 N NE2  . GLN A 1 44 ? 4.002   2.824   10.410  1.00 2.44 ? 44 GLN A NE2  1 
ATOM 652 H H    . GLN A 1 44 ? 0.399   2.482   7.211   1.00 0.50 ? 44 GLN A H    1 
ATOM 653 H HA   . GLN A 1 44 ? 1.410   1.649   9.825   1.00 0.55 ? 44 GLN A HA   1 
ATOM 654 H HB2  . GLN A 1 44 ? 0.876   4.329   8.506   1.00 1.03 ? 44 GLN A HB2  1 
ATOM 655 H HB3  . GLN A 1 44 ? 1.716   4.135   10.046  1.00 0.91 ? 44 GLN A HB3  1 
ATOM 656 H HG2  . GLN A 1 44 ? 2.586   2.921   7.405   1.00 1.56 ? 44 GLN A HG2  1 
ATOM 657 H HG3  . GLN A 1 44 ? 3.321   4.327   8.177   1.00 1.67 ? 44 GLN A HG3  1 
ATOM 658 H HE21 . GLN A 1 44 ? 3.671   3.670   10.778  1.00 2.59 ? 44 GLN A HE21 1 
ATOM 659 H HE22 . GLN A 1 44 ? 4.569   2.241   10.958  1.00 3.03 ? 44 GLN A HE22 1 
ATOM 660 N N    . ARG A 1 45 ? -1.666  2.358   9.624   1.00 0.61 ? 45 ARG A N    1 
ATOM 661 C CA   . ARG A 1 45 ? -2.915  2.575   10.408  1.00 0.70 ? 45 ARG A CA   1 
ATOM 662 C C    . ARG A 1 45 ? -3.107  1.435   11.410  1.00 0.72 ? 45 ARG A C    1 
ATOM 663 O O    . ARG A 1 45 ? -3.319  1.656   12.586  1.00 0.93 ? 45 ARG A O    1 
ATOM 664 C CB   . ARG A 1 45 ? -4.040  2.575   9.371   1.00 0.78 ? 45 ARG A CB   1 
ATOM 665 C CG   . ARG A 1 45 ? -4.443  4.017   9.055   1.00 1.14 ? 45 ARG A CG   1 
ATOM 666 C CD   . ARG A 1 45 ? -5.949  4.080   8.789   1.00 1.45 ? 45 ARG A CD   1 
ATOM 667 N NE   . ARG A 1 45 ? -6.548  4.523   10.079  1.00 1.81 ? 45 ARG A NE   1 
ATOM 668 C CZ   . ARG A 1 45 ? -7.050  5.722   10.187  1.00 2.36 ? 45 ARG A CZ   1 
ATOM 669 N NH1  . ARG A 1 45 ? -8.085  6.063   9.467   1.00 2.99 ? 45 ARG A NH1  1 
ATOM 670 N NH2  . ARG A 1 45 ? -6.520  6.581   11.014  1.00 2.90 ? 45 ARG A NH2  1 
ATOM 671 H H    . ARG A 1 45 ? -1.719  2.042   8.698   1.00 0.62 ? 45 ARG A H    1 
ATOM 672 H HA   . ARG A 1 45 ? -2.882  3.525   10.917  1.00 0.75 ? 45 ARG A HA   1 
ATOM 673 H HB2  . ARG A 1 45 ? -3.697  2.090   8.469   1.00 0.85 ? 45 ARG A HB2  1 
ATOM 674 H HB3  . ARG A 1 45 ? -4.893  2.043   9.765   1.00 0.93 ? 45 ARG A HB3  1 
ATOM 675 H HG2  . ARG A 1 45 ? -4.197  4.651   9.894   1.00 1.63 ? 45 ARG A HG2  1 
ATOM 676 H HG3  . ARG A 1 45 ? -3.911  4.356   8.179   1.00 1.86 ? 45 ARG A HG3  1 
ATOM 677 H HD2  . ARG A 1 45 ? -6.162  4.795   8.007   1.00 2.16 ? 45 ARG A HD2  1 
ATOM 678 H HD3  . ARG A 1 45 ? -6.325  3.104   8.522   1.00 1.79 ? 45 ARG A HD3  1 
ATOM 679 H HE   . ARG A 1 45 ? -6.563  3.914   10.847  1.00 2.16 ? 45 ARG A HE   1 
ATOM 680 H HH11 . ARG A 1 45 ? -8.491  5.406   8.833   1.00 3.20 ? 45 ARG A HH11 1 
ATOM 681 H HH12 . ARG A 1 45 ? -8.470  6.983   9.549   1.00 3.59 ? 45 ARG A HH12 1 
ATOM 682 H HH21 . ARG A 1 45 ? -5.728  6.319   11.565  1.00 3.04 ? 45 ARG A HH21 1 
ATOM 683 H HH22 . ARG A 1 45 ? -6.905  7.499   11.096  1.00 3.53 ? 45 ARG A HH22 1 
ATOM 684 N N    . THR A 1 46 ? -3.032  0.216   10.953  1.00 0.70 ? 46 THR A N    1 
ATOM 685 C CA   . THR A 1 46 ? -3.205  -0.941  11.877  1.00 0.79 ? 46 THR A CA   1 
ATOM 686 C C    . THR A 1 46 ? -1.906  -1.749  11.961  1.00 0.76 ? 46 THR A C    1 
ATOM 687 O O    . THR A 1 46 ? -1.700  -2.516  12.880  1.00 0.90 ? 46 THR A O    1 
ATOM 688 C CB   . THR A 1 46 ? -4.322  -1.781  11.254  1.00 0.87 ? 46 THR A CB   1 
ATOM 689 O OG1  . THR A 1 46 ? -3.969  -2.120  9.921   1.00 0.80 ? 46 THR A OG1  1 
ATOM 690 C CG2  . THR A 1 46 ? -5.625  -0.980  11.252  1.00 1.03 ? 46 THR A CG2  1 
ATOM 691 H H    . THR A 1 46 ? -2.859  0.060   10.001  1.00 0.77 ? 46 THR A H    1 
ATOM 692 H HA   . THR A 1 46 ? -3.503  -0.600  12.856  1.00 0.86 ? 46 THR A HA   1 
ATOM 693 H HB   . THR A 1 46 ? -4.459  -2.682  11.832  1.00 0.95 ? 46 THR A HB   1 
ATOM 694 H HG1  . THR A 1 46 ? -4.080  -1.338  9.376   1.00 1.00 ? 46 THR A HG1  1 
ATOM 695 H HG21 . THR A 1 46 ? -5.662  -0.349  12.128  1.00 1.25 ? 46 THR A HG21 1 
ATOM 696 H HG22 . THR A 1 46 ? -5.668  -0.366  10.364  1.00 1.22 ? 46 THR A HG22 1 
ATOM 697 H HG23 . THR A 1 46 ? -6.464  -1.659  11.261  1.00 1.41 ? 46 THR A HG23 1 
ATOM 698 N N    . GLY A 1 47 ? -1.028  -1.585  11.007  1.00 0.66 ? 47 GLY A N    1 
ATOM 699 C CA   . GLY A 1 47 ? 0.253   -2.343  11.034  1.00 0.67 ? 47 GLY A CA   1 
ATOM 700 C C    . GLY A 1 47 ? 0.095   -3.640  10.240  1.00 0.71 ? 47 GLY A C    1 
ATOM 701 O O    . GLY A 1 47 ? 0.797   -4.606  10.464  1.00 0.91 ? 47 GLY A O    1 
ATOM 702 H H    . GLY A 1 47 ? -1.212  -0.962  10.272  1.00 0.65 ? 47 GLY A H    1 
ATOM 703 H HA2  . GLY A 1 47 ? 1.036   -1.742  10.592  1.00 0.63 ? 47 GLY A HA2  1 
ATOM 704 H HA3  . GLY A 1 47 ? 0.512   -2.579  12.054  1.00 0.72 ? 47 GLY A HA3  1 
ATOM 705 N N    . ARG A 1 48 ? -0.824  -3.671  9.313   1.00 0.71 ? 48 ARG A N    1 
ATOM 706 C CA   . ARG A 1 48 ? -1.025  -4.910  8.507   1.00 0.74 ? 48 ARG A CA   1 
ATOM 707 C C    . ARG A 1 48 ? -0.117  -4.895  7.274   1.00 0.59 ? 48 ARG A C    1 
ATOM 708 O O    . ARG A 1 48 ? -0.150  -3.980  6.477   1.00 0.70 ? 48 ARG A O    1 
ATOM 709 C CB   . ARG A 1 48 ? -2.496  -4.880  8.092   1.00 0.83 ? 48 ARG A CB   1 
ATOM 710 C CG   . ARG A 1 48 ? -3.379  -5.031  9.332   1.00 1.03 ? 48 ARG A CG   1 
ATOM 711 C CD   . ARG A 1 48 ? -4.849  -5.105  8.908   1.00 1.30 ? 48 ARG A CD   1 
ATOM 712 N NE   . ARG A 1 48 ? -5.307  -6.453  9.344   1.00 1.75 ? 48 ARG A NE   1 
ATOM 713 C CZ   . ARG A 1 48 ? -4.899  -7.517  8.708   1.00 2.24 ? 48 ARG A CZ   1 
ATOM 714 N NH1  . ARG A 1 48 ? -4.951  -7.559  7.405   1.00 2.94 ? 48 ARG A NH1  1 
ATOM 715 N NH2  . ARG A 1 48 ? -4.440  -8.539  9.376   1.00 2.69 ? 48 ARG A NH2  1 
ATOM 716 H H    . ARG A 1 48 ? -1.382  -2.881  9.149   1.00 0.82 ? 48 ARG A H    1 
ATOM 717 H HA   . ARG A 1 48 ? -0.831  -5.785  9.108   1.00 0.86 ? 48 ARG A HA   1 
ATOM 718 H HB2  . ARG A 1 48 ? -2.714  -3.940  7.606   1.00 0.80 ? 48 ARG A HB2  1 
ATOM 719 H HB3  . ARG A 1 48 ? -2.695  -5.693  7.410   1.00 0.87 ? 48 ARG A HB3  1 
ATOM 720 H HG2  . ARG A 1 48 ? -3.110  -5.937  9.856   1.00 1.32 ? 48 ARG A HG2  1 
ATOM 721 H HG3  . ARG A 1 48 ? -3.237  -4.181  9.982   1.00 1.19 ? 48 ARG A HG3  1 
ATOM 722 H HD2  . ARG A 1 48 ? -5.420  -4.331  9.402   1.00 1.63 ? 48 ARG A HD2  1 
ATOM 723 H HD3  . ARG A 1 48 ? -4.936  -5.013  7.836   1.00 1.82 ? 48 ARG A HD3  1 
ATOM 724 H HE   . ARG A 1 48 ? -5.915  -6.540  10.107  1.00 2.21 ? 48 ARG A HE   1 
ATOM 725 H HH11 . ARG A 1 48 ? -5.303  -6.775  6.892   1.00 3.16 ? 48 ARG A HH11 1 
ATOM 726 H HH12 . ARG A 1 48 ? -4.638  -8.375  6.918   1.00 3.54 ? 48 ARG A HH12 1 
ATOM 727 H HH21 . ARG A 1 48 ? -4.400  -8.507  10.375  1.00 2.82 ? 48 ARG A HH21 1 
ATOM 728 H HH22 . ARG A 1 48 ? -4.127  -9.355  8.890   1.00 3.25 ? 48 ARG A HH22 1 
ATOM 729 N N    . THR A 1 49 ? 0.694   -5.904  7.111   1.00 0.57 ? 49 THR A N    1 
ATOM 730 C CA   . THR A 1 49 ? 1.602   -5.946  5.928   1.00 0.53 ? 49 THR A CA   1 
ATOM 731 C C    . THR A 1 49 ? 1.013   -6.847  4.841   1.00 0.47 ? 49 THR A C    1 
ATOM 732 O O    . THR A 1 49 ? 0.492   -7.910  5.116   1.00 0.62 ? 49 THR A O    1 
ATOM 733 C CB   . THR A 1 49 ? 2.914   -6.530  6.457   1.00 0.74 ? 49 THR A CB   1 
ATOM 734 O OG1  . THR A 1 49 ? 3.200   -5.970  7.730   1.00 1.62 ? 49 THR A OG1  1 
ATOM 735 C CG2  . THR A 1 49 ? 4.048   -6.203  5.485   1.00 1.44 ? 49 THR A CG2  1 
ATOM 736 H H    . THR A 1 49 ? 0.707   -6.634  7.764   1.00 0.73 ? 49 THR A H    1 
ATOM 737 H HA   . THR A 1 49 ? 1.770   -4.952  5.546   1.00 0.52 ? 49 THR A HA   1 
ATOM 738 H HB   . THR A 1 49 ? 2.821   -7.601  6.547   1.00 0.97 ? 49 THR A HB   1 
ATOM 739 H HG1  . THR A 1 49 ? 3.696   -6.619  8.235   1.00 1.86 ? 49 THR A HG1  1 
ATOM 740 H HG21 . THR A 1 49 ? 4.094   -5.135  5.333   1.00 1.82 ? 49 THR A HG21 1 
ATOM 741 H HG22 . THR A 1 49 ? 4.985   -6.549  5.896   1.00 1.94 ? 49 THR A HG22 1 
ATOM 742 H HG23 . THR A 1 49 ? 3.866   -6.695  4.541   1.00 2.08 ? 49 THR A HG23 1 
ATOM 743 N N    . GLY A 1 50 ? 1.093   -6.433  3.605   1.00 0.39 ? 50 GLY A N    1 
ATOM 744 C CA   . GLY A 1 50 ? 0.538   -7.267  2.501   1.00 0.39 ? 50 GLY A CA   1 
ATOM 745 C C    . GLY A 1 50 ? 0.739   -6.549  1.166   1.00 0.37 ? 50 GLY A C    1 
ATOM 746 O O    . GLY A 1 50 ? 1.236   -5.441  1.115   1.00 0.44 ? 50 GLY A O    1 
ATOM 747 H H    . GLY A 1 50 ? 1.517   -5.573  3.404   1.00 0.44 ? 50 GLY A H    1 
ATOM 748 H HA2  . GLY A 1 50 ? 1.047   -8.220  2.480   1.00 0.44 ? 50 GLY A HA2  1 
ATOM 749 H HA3  . GLY A 1 50 ? -0.517  -7.425  2.665   1.00 0.44 ? 50 GLY A HA3  1 
ATOM 750 N N    . MET A 1 51 ? 0.357   -7.170  0.084   1.00 0.39 ? 51 MET A N    1 
ATOM 751 C CA   . MET A 1 51 ? 0.527   -6.520  -1.248  1.00 0.41 ? 51 MET A CA   1 
ATOM 752 C C    . MET A 1 51 ? -0.468  -5.366  -1.403  1.00 0.34 ? 51 MET A C    1 
ATOM 753 O O    . MET A 1 51 ? -1.532  -5.370  -0.817  1.00 0.35 ? 51 MET A O    1 
ATOM 754 C CB   . MET A 1 51 ? 0.232   -7.622  -2.268  1.00 0.50 ? 51 MET A CB   1 
ATOM 755 C CG   . MET A 1 51 ? 1.508   -8.419  -2.544  1.00 1.03 ? 51 MET A CG   1 
ATOM 756 S SD   . MET A 1 51 ? 1.100   -9.897  -3.505  1.00 1.48 ? 51 MET A SD   1 
ATOM 757 C CE   . MET A 1 51 ? 2.084   -9.494  -4.971  1.00 1.71 ? 51 MET A CE   1 
ATOM 758 H H    . MET A 1 51 ? -0.042  -8.062  0.146   1.00 0.47 ? 51 MET A H    1 
ATOM 759 H HA   . MET A 1 51 ? 1.537   -6.166  -1.370  1.00 0.49 ? 51 MET A HA   1 
ATOM 760 H HB2  . MET A 1 51 ? -0.527  -8.282  -1.874  1.00 0.70 ? 51 MET A HB2  1 
ATOM 761 H HB3  . MET A 1 51 ? -0.119  -7.177  -3.187  1.00 0.63 ? 51 MET A HB3  1 
ATOM 762 H HG2  . MET A 1 51 ? 2.201   -7.807  -3.102  1.00 1.65 ? 51 MET A HG2  1 
ATOM 763 H HG3  . MET A 1 51 ? 1.960   -8.712  -1.607  1.00 1.50 ? 51 MET A HG3  1 
ATOM 764 H HE1  . MET A 1 51 ? 2.970   -8.958  -4.675  1.00 2.10 ? 51 MET A HE1  1 
ATOM 765 H HE2  . MET A 1 51 ? 2.369   -10.408 -5.473  1.00 2.36 ? 51 MET A HE2  1 
ATOM 766 H HE3  . MET A 1 51 ? 1.497   -8.879  -5.638  1.00 1.89 ? 51 MET A HE3  1 
ATOM 767 N N    . LEU A 1 52 ? -0.133  -4.379  -2.188  1.00 0.35 ? 52 LEU A N    1 
ATOM 768 C CA   . LEU A 1 52 ? -1.067  -3.227  -2.376  1.00 0.38 ? 52 LEU A CA   1 
ATOM 769 C C    . LEU A 1 52 ? -1.321  -3.003  -3.872  1.00 0.36 ? 52 LEU A C    1 
ATOM 770 O O    . LEU A 1 52 ? -0.477  -3.304  -4.691  1.00 0.43 ? 52 LEU A O    1 
ATOM 771 C CB   . LEU A 1 52 ? -0.366  -1.996  -1.771  1.00 0.50 ? 52 LEU A CB   1 
ATOM 772 C CG   . LEU A 1 52 ? 0.358   -2.360  -0.467  1.00 0.56 ? 52 LEU A CG   1 
ATOM 773 C CD1  . LEU A 1 52 ? 1.121   -1.139  0.048   1.00 0.90 ? 52 LEU A CD1  1 
ATOM 774 C CD2  . LEU A 1 52 ? -0.659  -2.798  0.587   1.00 0.84 ? 52 LEU A CD2  1 
ATOM 775 H H    . LEU A 1 52 ? 0.730   -4.392  -2.653  1.00 0.39 ? 52 LEU A H    1 
ATOM 776 H HA   . LEU A 1 52 ? -1.997  -3.411  -1.862  1.00 0.41 ? 52 LEU A HA   1 
ATOM 777 H HB2  . LEU A 1 52 ? 0.351   -1.613  -2.480  1.00 0.87 ? 52 LEU A HB2  1 
ATOM 778 H HB3  . LEU A 1 52 ? -1.103  -1.235  -1.566  1.00 0.89 ? 52 LEU A HB3  1 
ATOM 779 H HG   . LEU A 1 52 ? 1.055   -3.164  -0.655  1.00 1.39 ? 52 LEU A HG   1 
ATOM 780 H HD11 . LEU A 1 52 ? 0.464   -0.280  0.051   1.00 1.60 ? 52 LEU A HD11 1 
ATOM 781 H HD12 . LEU A 1 52 ? 1.469   -1.328  1.052   1.00 1.31 ? 52 LEU A HD12 1 
ATOM 782 H HD13 . LEU A 1 52 ? 1.966   -0.943  -0.596  1.00 1.34 ? 52 LEU A HD13 1 
ATOM 783 H HD21 . LEU A 1 52 ? -1.618  -2.349  0.373   1.00 1.39 ? 52 LEU A HD21 1 
ATOM 784 H HD22 . LEU A 1 52 ? -0.752  -3.874  0.572   1.00 1.24 ? 52 LEU A HD22 1 
ATOM 785 H HD23 . LEU A 1 52 ? -0.324  -2.480  1.563   1.00 1.44 ? 52 LEU A HD23 1 
ATOM 786 N N    . PRO A 1 53 ? -2.482  -2.478  -4.183  1.00 0.38 ? 53 PRO A N    1 
ATOM 787 C CA   . PRO A 1 53 ? -2.835  -2.215  -5.600  1.00 0.41 ? 53 PRO A CA   1 
ATOM 788 C C    . PRO A 1 53 ? -2.055  -1.005  -6.125  1.00 0.41 ? 53 PRO A C    1 
ATOM 789 O O    . PRO A 1 53 ? -2.298  0.119   -5.733  1.00 0.43 ? 53 PRO A O    1 
ATOM 790 C CB   . PRO A 1 53 ? -4.330  -1.918  -5.549  1.00 0.52 ? 53 PRO A CB   1 
ATOM 791 C CG   . PRO A 1 53 ? -4.583  -1.431  -4.156  1.00 0.56 ? 53 PRO A CG   1 
ATOM 792 C CD   . PRO A 1 53 ? -3.559  -2.086  -3.264  1.00 0.47 ? 53 PRO A CD   1 
ATOM 793 H HA   . PRO A 1 53 ? -2.649  -3.084  -6.209  1.00 0.44 ? 53 PRO A HA   1 
ATOM 794 H HB2  . PRO A 1 53 ? -4.585  -1.153  -6.269  1.00 0.56 ? 53 PRO A HB2  1 
ATOM 795 H HB3  . PRO A 1 53 ? -4.899  -2.816  -5.734  1.00 0.59 ? 53 PRO A HB3  1 
ATOM 796 H HG2  . PRO A 1 53 ? -4.475  -0.356  -4.118  1.00 0.60 ? 53 PRO A HG2  1 
ATOM 797 H HG3  . PRO A 1 53 ? -5.574  -1.716  -3.841  1.00 0.67 ? 53 PRO A HG3  1 
ATOM 798 H HD2  . PRO A 1 53 ? -3.196  -1.382  -2.527  1.00 0.51 ? 53 PRO A HD2  1 
ATOM 799 H HD3  . PRO A 1 53 ? -3.976  -2.959  -2.785  1.00 0.52 ? 53 PRO A HD3  1 
ATOM 800 N N    . ALA A 1 54 ? -1.119  -1.228  -7.006  1.00 0.53 ? 54 ALA A N    1 
ATOM 801 C CA   . ALA A 1 54 ? -0.322  -0.090  -7.553  1.00 0.63 ? 54 ALA A CA   1 
ATOM 802 C C    . ALA A 1 54 ? -1.223  0.854   -8.355  1.00 0.62 ? 54 ALA A C    1 
ATOM 803 O O    . ALA A 1 54 ? -0.939  2.028   -8.493  1.00 0.75 ? 54 ALA A O    1 
ATOM 804 C CB   . ALA A 1 54 ? 0.720   -0.739  -8.464  1.00 0.79 ? 54 ALA A CB   1 
ATOM 805 H H    . ALA A 1 54 ? -0.938  -2.142  -7.308  1.00 0.61 ? 54 ALA A H    1 
ATOM 806 H HA   . ALA A 1 54 ? 0.168   0.444   -6.755  1.00 0.64 ? 54 ALA A HA   1 
ATOM 807 H HB1  . ALA A 1 54 ? 0.266   -1.555  -9.007  1.00 0.86 ? 54 ALA A HB1  1 
ATOM 808 H HB2  . ALA A 1 54 ? 1.094   -0.006  -9.163  1.00 1.02 ? 54 ALA A HB2  1 
ATOM 809 H HB3  . ALA A 1 54 ? 1.536   -1.116  -7.865  1.00 1.09 ? 54 ALA A HB3  1 
ATOM 810 N N    . ASN A 1 55 ? -2.304  0.353   -8.885  1.00 0.56 ? 55 ASN A N    1 
ATOM 811 C CA   . ASN A 1 55 ? -3.218  1.225   -9.678  1.00 0.61 ? 55 ASN A CA   1 
ATOM 812 C C    . ASN A 1 55 ? -4.155  2.015   -8.754  1.00 0.56 ? 55 ASN A C    1 
ATOM 813 O O    . ASN A 1 55 ? -5.039  2.714   -9.208  1.00 0.74 ? 55 ASN A O    1 
ATOM 814 C CB   . ASN A 1 55 ? -4.020  0.262   -10.554 1.00 0.63 ? 55 ASN A CB   1 
ATOM 815 C CG   . ASN A 1 55 ? -3.280  0.034   -11.874 1.00 1.13 ? 55 ASN A CG   1 
ATOM 816 O OD1  . ASN A 1 55 ? -3.865  0.128   -12.935 1.00 1.94 ? 55 ASN A OD1  1 
ATOM 817 N ND2  . ASN A 1 55 ? -2.010  -0.262  -11.853 1.00 1.63 ? 55 ASN A ND2  1 
ATOM 818 H H    . ASN A 1 55 ? -2.515  -0.596  -8.763  1.00 0.56 ? 55 ASN A H    1 
ATOM 819 H HA   . ASN A 1 55 ? -2.649  1.898   -10.300 1.00 0.69 ? 55 ASN A HA   1 
ATOM 820 H HB2  . ASN A 1 55 ? -4.136  -0.680  -10.038 1.00 0.83 ? 55 ASN A HB2  1 
ATOM 821 H HB3  . ASN A 1 55 ? -4.992  0.685   -10.757 1.00 0.88 ? 55 ASN A HB3  1 
ATOM 822 H HD21 . ASN A 1 55 ? -1.538  -0.339  -10.996 1.00 2.08 ? 55 ASN A HD21 1 
ATOM 823 H HD22 . ASN A 1 55 ? -1.527  -0.411  -12.693 1.00 2.03 ? 55 ASN A HD22 1 
ATOM 824 N N    . TYR A 1 56 ? -3.974  1.913   -7.463  1.00 0.42 ? 56 TYR A N    1 
ATOM 825 C CA   . TYR A 1 56 ? -4.861  2.662   -6.526  1.00 0.41 ? 56 TYR A CA   1 
ATOM 826 C C    . TYR A 1 56 ? -4.035  3.632   -5.677  1.00 0.42 ? 56 TYR A C    1 
ATOM 827 O O    . TYR A 1 56 ? -4.489  4.699   -5.316  1.00 0.56 ? 56 TYR A O    1 
ATOM 828 C CB   . TYR A 1 56 ? -5.502  1.588   -5.643  1.00 0.36 ? 56 TYR A CB   1 
ATOM 829 C CG   . TYR A 1 56 ? -6.919  1.323   -6.102  1.00 0.42 ? 56 TYR A CG   1 
ATOM 830 C CD1  . TYR A 1 56 ? -7.213  1.231   -7.470  1.00 1.29 ? 56 TYR A CD1  1 
ATOM 831 C CD2  . TYR A 1 56 ? -7.940  1.166   -5.158  1.00 1.15 ? 56 TYR A CD2  1 
ATOM 832 C CE1  . TYR A 1 56 ? -8.524  0.985   -7.890  1.00 1.33 ? 56 TYR A CE1  1 
ATOM 833 C CE2  . TYR A 1 56 ? -9.253  0.918   -5.578  1.00 1.23 ? 56 TYR A CE2  1 
ATOM 834 C CZ   . TYR A 1 56 ? -9.545  0.828   -6.944  1.00 0.68 ? 56 TYR A CZ   1 
ATOM 835 O OH   . TYR A 1 56 ? -10.838 0.583   -7.358  1.00 0.84 ? 56 TYR A OH   1 
ATOM 836 H H    . TYR A 1 56 ? -3.259  1.346   -7.108  1.00 0.42 ? 56 TYR A H    1 
ATOM 837 H HA   . TYR A 1 56 ? -5.624  3.195   -7.073  1.00 0.47 ? 56 TYR A HA   1 
ATOM 838 H HB2  . TYR A 1 56 ? -4.925  0.677   -5.712  1.00 0.35 ? 56 TYR A HB2  1 
ATOM 839 H HB3  . TYR A 1 56 ? -5.516  1.928   -4.619  1.00 0.41 ? 56 TYR A HB3  1 
ATOM 840 H HD1  . TYR A 1 56 ? -6.426  1.352   -8.200  1.00 2.12 ? 56 TYR A HD1  1 
ATOM 841 H HD2  . TYR A 1 56 ? -7.715  1.235   -4.104  1.00 1.96 ? 56 TYR A HD2  1 
ATOM 842 H HE1  . TYR A 1 56 ? -8.750  0.914   -8.944  1.00 2.15 ? 56 TYR A HE1  1 
ATOM 843 H HE2  . TYR A 1 56 ? -10.039 0.797   -4.848  1.00 2.05 ? 56 TYR A HE2  1 
ATOM 844 H HH   . TYR A 1 56 ? -10.869 -0.303  -7.727  1.00 1.29 ? 56 TYR A HH   1 
ATOM 845 N N    . VAL A 1 57 ? -2.823  3.268   -5.354  1.00 0.38 ? 57 VAL A N    1 
ATOM 846 C CA   . VAL A 1 57 ? -1.969  4.169   -4.527  1.00 0.41 ? 57 VAL A CA   1 
ATOM 847 C C    . VAL A 1 57 ? -0.973  4.916   -5.418  1.00 0.51 ? 57 VAL A C    1 
ATOM 848 O O    . VAL A 1 57 ? -0.738  4.546   -6.551  1.00 0.59 ? 57 VAL A O    1 
ATOM 849 C CB   . VAL A 1 57 ? -1.232  3.242   -3.561  1.00 0.43 ? 57 VAL A CB   1 
ATOM 850 C CG1  . VAL A 1 57 ? -2.248  2.500   -2.691  1.00 0.39 ? 57 VAL A CG1  1 
ATOM 851 C CG2  . VAL A 1 57 ? -0.407  2.228   -4.358  1.00 0.52 ? 57 VAL A CG2  1 
ATOM 852 H H    . VAL A 1 57 ? -2.475  2.403   -5.655  1.00 0.40 ? 57 VAL A H    1 
ATOM 853 H HA   . VAL A 1 57 ? -2.580  4.866   -3.977  1.00 0.40 ? 57 VAL A HA   1 
ATOM 854 H HB   . VAL A 1 57 ? -0.578  3.826   -2.931  1.00 0.47 ? 57 VAL A HB   1 
ATOM 855 H HG11 . VAL A 1 57 ? -3.161  3.073   -2.635  1.00 0.87 ? 57 VAL A HG11 1 
ATOM 856 H HG12 . VAL A 1 57 ? -2.456  1.533   -3.125  1.00 0.98 ? 57 VAL A HG12 1 
ATOM 857 H HG13 . VAL A 1 57 ? -1.844  2.369   -1.698  1.00 0.94 ? 57 VAL A HG13 1 
ATOM 858 H HG21 . VAL A 1 57 ? -0.359  2.537   -5.392  1.00 0.69 ? 57 VAL A HG21 1 
ATOM 859 H HG22 . VAL A 1 57 ? 0.591   2.177   -3.949  1.00 0.76 ? 57 VAL A HG22 1 
ATOM 860 H HG23 . VAL A 1 57 ? -0.873  1.255   -4.294  1.00 0.57 ? 57 VAL A HG23 1 
ATOM 861 N N    . GLU A 1 58 ? -0.383  5.967   -4.914  1.00 0.59 ? 58 GLU A N    1 
ATOM 862 C CA   . GLU A 1 58 ? 0.598   6.736   -5.732  1.00 0.72 ? 58 GLU A CA   1 
ATOM 863 C C    . GLU A 1 58 ? 1.506   7.568   -4.824  1.00 0.66 ? 58 GLU A C    1 
ATOM 864 O O    . GLU A 1 58 ? 1.244   7.734   -3.649  1.00 0.63 ? 58 GLU A O    1 
ATOM 865 C CB   . GLU A 1 58 ? -0.252  7.646   -6.620  1.00 0.84 ? 58 GLU A CB   1 
ATOM 866 C CG   . GLU A 1 58 ? -1.125  8.546   -5.744  1.00 1.16 ? 58 GLU A CG   1 
ATOM 867 C CD   . GLU A 1 58 ? -1.567  9.770   -6.550  1.00 1.47 ? 58 GLU A CD   1 
ATOM 868 O OE1  . GLU A 1 58 ? -2.331  9.594   -7.485  1.00 1.73 ? 58 GLU A OE1  1 
ATOM 869 O OE2  . GLU A 1 58 ? -1.135  10.861  -6.218  1.00 2.17 ? 58 GLU A OE2  1 
ATOM 870 H H    . GLU A 1 58 ? -0.587  6.249   -3.998  1.00 0.61 ? 58 GLU A H    1 
ATOM 871 H HA   . GLU A 1 58 ? 1.184   6.069   -6.343  1.00 0.89 ? 58 GLU A HA   1 
ATOM 872 H HB2  . GLU A 1 58 ? 0.395   8.256   -7.233  1.00 1.38 ? 58 GLU A HB2  1 
ATOM 873 H HB3  . GLU A 1 58 ? -0.885  7.041   -7.253  1.00 1.28 ? 58 GLU A HB3  1 
ATOM 874 H HG2  . GLU A 1 58 ? -1.995  7.995   -5.416  1.00 1.43 ? 58 GLU A HG2  1 
ATOM 875 H HG3  . GLU A 1 58 ? -0.558  8.870   -4.884  1.00 1.70 ? 58 GLU A HG3  1 
ATOM 876 N N    . ALA A 1 59 ? 2.575   8.094   -5.358  1.00 0.76 ? 59 ALA A N    1 
ATOM 877 C CA   . ALA A 1 59 ? 3.499   8.914   -4.525  1.00 0.83 ? 59 ALA A CA   1 
ATOM 878 C C    . ALA A 1 59 ? 2.986   10.353  -4.423  1.00 0.81 ? 59 ALA A C    1 
ATOM 879 O O    . ALA A 1 59 ? 2.112   10.764  -5.161  1.00 1.06 ? 59 ALA A O    1 
ATOM 880 C CB   . ALA A 1 59 ? 4.839   8.874   -5.262  1.00 1.04 ? 59 ALA A CB   1 
ATOM 881 H H    . ALA A 1 59 ? 2.769   7.949   -6.308  1.00 0.88 ? 59 ALA A H    1 
ATOM 882 H HA   . ALA A 1 59 ? 3.606   8.481   -3.543  1.00 0.86 ? 59 ALA A HA   1 
ATOM 883 H HB1  . ALA A 1 59 ? 4.862   8.018   -5.919  1.00 1.30 ? 59 ALA A HB1  1 
ATOM 884 H HB2  . ALA A 1 59 ? 4.956   9.777   -5.843  1.00 1.51 ? 59 ALA A HB2  1 
ATOM 885 H HB3  . ALA A 1 59 ? 5.642   8.800   -4.545  1.00 1.56 ? 59 ALA A HB3  1 
ATOM 886 N N    . ILE A 1 60 ? 3.522   11.121  -3.514  1.00 0.99 ? 60 ILE A N    1 
ATOM 887 C CA   . ILE A 1 60 ? 3.064   12.532  -3.366  1.00 1.11 ? 60 ILE A CA   1 
ATOM 888 C C    . ILE A 1 60 ? 4.259   13.451  -3.101  1.00 1.36 ? 60 ILE A C    1 
ATOM 889 O O    . ILE A 1 60 ? 4.053   14.510  -2.532  1.00 1.66 ? 60 ILE A O    1 
ATOM 890 C CB   . ILE A 1 60 ? 2.121   12.518  -2.163  1.00 1.12 ? 60 ILE A CB   1 
ATOM 891 C CG1  . ILE A 1 60 ? 2.864   11.971  -0.941  1.00 1.22 ? 60 ILE A CG1  1 
ATOM 892 C CG2  . ILE A 1 60 ? 0.917   11.627  -2.467  1.00 1.01 ? 60 ILE A CG2  1 
ATOM 893 C CD1  . ILE A 1 60 ? 2.354   12.669  0.322   1.00 1.50 ? 60 ILE A CD1  1 
ATOM 894 O OXT  . ILE A 1 60 ? 5.361   13.080  -3.472  1.00 1.96 ? 60 ILE A OXT  1 
ATOM 895 H H    . ILE A 1 60 ? 4.225   10.771  -2.929  1.00 1.27 ? 60 ILE A H    1 
ATOM 896 H HA   . ILE A 1 60 ? 2.530   12.851  -4.247  1.00 1.14 ? 60 ILE A HA   1 
ATOM 897 H HB   . ILE A 1 60 ? 1.783   13.524  -1.960  1.00 1.29 ? 60 ILE A HB   1 
ATOM 898 H HG12 . ILE A 1 60 ? 2.690   10.908  -0.861  1.00 1.15 ? 60 ILE A HG12 1 
ATOM 899 H HG13 . ILE A 1 60 ? 3.922   12.155  -1.050  1.00 1.36 ? 60 ILE A HG13 1 
ATOM 900 H HG21 . ILE A 1 60 ? 0.660   11.713  -3.512  1.00 1.25 ? 60 ILE A HG21 1 
ATOM 901 H HG22 . ILE A 1 60 ? 1.162   10.600  -2.240  1.00 1.18 ? 60 ILE A HG22 1 
ATOM 902 H HG23 . ILE A 1 60 ? 0.077   11.938  -1.863  1.00 1.24 ? 60 ILE A HG23 1 
ATOM 903 H HD11 . ILE A 1 60 ? 1.282   12.559  0.385   1.00 1.79 ? 60 ILE A HD11 1 
ATOM 904 H HD12 . ILE A 1 60 ? 2.815   12.222  1.191   1.00 1.94 ? 60 ILE A HD12 1 
ATOM 905 H HD13 . ILE A 1 60 ? 2.607   13.718  0.280   1.00 1.70 ? 60 ILE A HD13 1 
# 
